data_4KIF
#
_entry.id   4KIF
#
_cell.length_a   57.431
_cell.length_b   88.708
_cell.length_c   137.005
_cell.angle_alpha   90.00
_cell.angle_beta   90.00
_cell.angle_gamma   90.00
#
_symmetry.space_group_name_H-M   'P 21 21 21'
#
loop_
_entity.id
_entity.type
_entity.pdbx_description
1 polymer 'Methyltransferase MppJ'
2 non-polymer '3-PHENYLPYRUVIC ACID'
3 non-polymer 'FE (III) ION'
4 non-polymer '(2R)-2-hydroxy-3-phenylpropanoic acid'
5 non-polymer 'CALCIUM ION'
6 water water
#
_entity_poly.entity_id   1
_entity_poly.type   'polypeptide(L)'
_entity_poly.pdbx_seq_one_letter_code
;MGSSHHHHHHSSGLVPRGSHMSTEVSEAQARRAVADIFNSTLASSAIGAAWELGALDELRENGKLDVSDFAVRHDLHEPA
VVGMFTALASVGIVRREGATVVVGPYFDEANHHRSLFHWLNQGSGELFRRMPQVLPNENRTGKFYQRDAGAISYACREIS
ERYFDPAFWAAVDGLGYTPTTVADLGSGSGERLIQIARRFPGVRGLGVDIADGAIAMAEKEVAAKGFGDQISFVRGDART
IDQVSARGEFAEVDLLTCFMMGHDFWPRENCVQTLRKLRAAFPNVRRFLLGDATRTVGIPDRELPVFTLGFEFGHDMMGV
YLPTLDEWDGVFEEGGWRCVKKHAIDSLSVSVVFELE
;
_entity_poly.pdbx_strand_id   A,B
#
# COMPACT_ATOMS: atom_id res chain seq x y z
N THR A 23 -10.38 25.55 6.04
CA THR A 23 -10.16 24.33 6.87
C THR A 23 -11.08 24.27 8.13
N GLU A 24 -12.34 24.66 7.95
CA GLU A 24 -13.32 24.70 9.05
C GLU A 24 -14.31 23.53 8.95
N VAL A 25 -14.04 22.48 9.74
CA VAL A 25 -14.92 21.33 9.79
C VAL A 25 -15.09 20.86 11.23
N SER A 26 -16.19 20.15 11.50
CA SER A 26 -16.41 19.60 12.81
C SER A 26 -15.38 18.49 13.10
N GLU A 27 -15.23 18.15 14.39
CA GLU A 27 -14.31 17.09 14.75
C GLU A 27 -14.86 15.73 14.28
N ALA A 28 -16.17 15.64 14.08
CA ALA A 28 -16.78 14.42 13.53
C ALA A 28 -16.52 14.29 12.03
N GLN A 29 -16.57 15.42 11.31
CA GLN A 29 -16.21 15.47 9.89
C GLN A 29 -14.83 14.91 9.69
N ALA A 30 -13.92 15.35 10.55
CA ALA A 30 -12.52 15.03 10.41
C ALA A 30 -12.27 13.54 10.71
N ARG A 31 -12.95 13.01 11.74
CA ARG A 31 -12.86 11.59 12.09
C ARG A 31 -13.27 10.75 10.89
N ARG A 32 -14.41 11.09 10.31
CA ARG A 32 -14.97 10.31 9.21
C ARG A 32 -14.05 10.38 7.96
N ALA A 33 -13.55 11.57 7.65
CA ALA A 33 -12.69 11.74 6.47
C ALA A 33 -11.43 10.89 6.61
N VAL A 34 -10.84 10.94 7.79
CA VAL A 34 -9.58 10.26 8.08
C VAL A 34 -9.76 8.74 8.03
N ALA A 35 -10.89 8.29 8.54
CA ALA A 35 -11.28 6.90 8.50
C ALA A 35 -11.51 6.45 7.08
N ASP A 36 -12.04 7.33 6.25
CA ASP A 36 -12.21 7.00 4.83
C ASP A 36 -10.88 6.90 4.13
N ILE A 37 -9.92 7.72 4.49
CA ILE A 37 -8.61 7.62 3.85
C ILE A 37 -8.00 6.24 4.15
N PHE A 38 -8.04 5.90 5.43
CA PHE A 38 -7.53 4.64 5.93
C PHE A 38 -8.22 3.46 5.26
N ASN A 39 -9.56 3.46 5.22
CA ASN A 39 -10.25 2.33 4.60
C ASN A 39 -10.06 2.34 3.08
N SER A 40 -10.07 3.53 2.50
CA SER A 40 -9.71 3.67 1.09
C SER A 40 -8.42 2.90 0.74
N THR A 41 -7.37 3.04 1.56
CA THR A 41 -6.12 2.31 1.33
C THR A 41 -6.40 0.84 1.11
N LEU A 42 -7.16 0.23 2.01
CA LEU A 42 -7.50 -1.18 1.90
C LEU A 42 -8.48 -1.44 0.73
N ALA A 43 -9.41 -0.54 0.48
CA ALA A 43 -10.24 -0.71 -0.71
C ALA A 43 -9.34 -0.80 -1.95
N SER A 44 -8.38 0.11 -2.00
CA SER A 44 -7.69 0.38 -3.20
C SER A 44 -6.91 -0.85 -3.55
N SER A 45 -6.25 -1.40 -2.54
CA SER A 45 -5.49 -2.58 -2.74
C SER A 45 -6.46 -3.72 -3.11
N ALA A 46 -7.64 -3.74 -2.50
CA ALA A 46 -8.62 -4.77 -2.77
C ALA A 46 -9.13 -4.83 -4.21
N ILE A 47 -9.14 -3.70 -4.88
CA ILE A 47 -9.73 -3.65 -6.24
C ILE A 47 -8.95 -4.52 -7.21
N GLY A 48 -7.64 -4.30 -7.22
CA GLY A 48 -6.76 -5.11 -8.03
C GLY A 48 -6.75 -6.55 -7.59
N ALA A 49 -6.81 -6.80 -6.28
CA ALA A 49 -6.97 -8.16 -5.79
C ALA A 49 -8.23 -8.79 -6.36
N ALA A 50 -9.36 -8.08 -6.24
CA ALA A 50 -10.65 -8.64 -6.67
C ALA A 50 -10.63 -8.96 -8.16
N TRP A 51 -10.02 -8.03 -8.91
CA TRP A 51 -9.85 -8.19 -10.35
C TRP A 51 -9.09 -9.45 -10.60
N GLU A 52 -7.90 -9.52 -10.05
CA GLU A 52 -7.03 -10.63 -10.37
C GLU A 52 -7.66 -11.98 -10.02
N LEU A 53 -8.49 -12.03 -8.96
CA LEU A 53 -9.07 -13.28 -8.50
C LEU A 53 -10.46 -13.60 -9.09
N GLY A 54 -10.92 -12.80 -10.06
CA GLY A 54 -12.16 -13.07 -10.77
C GLY A 54 -13.38 -12.41 -10.20
N ALA A 55 -13.19 -11.71 -9.08
CA ALA A 55 -14.34 -11.24 -8.33
C ALA A 55 -15.02 -10.14 -9.07
N LEU A 56 -14.22 -9.23 -9.62
CA LEU A 56 -14.81 -8.07 -10.27
C LEU A 56 -15.59 -8.49 -11.49
N ASP A 57 -15.03 -9.42 -12.25
CA ASP A 57 -15.69 -9.89 -13.49
C ASP A 57 -16.99 -10.62 -13.19
N GLU A 58 -16.95 -11.51 -12.19
CA GLU A 58 -18.16 -12.17 -11.75
C GLU A 58 -19.18 -11.18 -11.20
N LEU A 59 -18.74 -10.05 -10.63
CA LEU A 59 -19.70 -9.04 -10.23
C LEU A 59 -20.27 -8.24 -11.40
N ARG A 60 -19.46 -7.97 -12.44
CA ARG A 60 -19.96 -7.29 -13.64
C ARG A 60 -21.03 -8.13 -14.38
N GLU A 61 -20.75 -9.43 -14.56
CA GLU A 61 -21.62 -10.32 -15.34
C GLU A 61 -22.95 -10.57 -14.65
N ASN A 62 -22.90 -11.00 -13.38
CA ASN A 62 -24.11 -11.35 -12.61
C ASN A 62 -24.64 -10.26 -11.67
N GLY A 63 -23.80 -9.29 -11.30
CA GLY A 63 -24.22 -8.25 -10.32
C GLY A 63 -24.22 -8.67 -8.85
N LYS A 64 -23.95 -9.95 -8.58
CA LYS A 64 -24.06 -10.54 -7.24
C LYS A 64 -23.05 -11.66 -7.15
N LEU A 65 -22.79 -12.08 -5.93
CA LEU A 65 -21.95 -13.24 -5.74
C LEU A 65 -22.09 -13.77 -4.30
N ASP A 66 -21.73 -15.04 -4.09
CA ASP A 66 -21.78 -15.62 -2.77
C ASP A 66 -20.37 -15.86 -2.34
N VAL A 67 -20.00 -15.22 -1.23
CA VAL A 67 -18.61 -15.24 -0.82
C VAL A 67 -18.12 -16.64 -0.47
N SER A 68 -19.02 -17.52 0.02
CA SER A 68 -18.59 -18.90 0.41
C SER A 68 -18.38 -19.69 -0.87
N ASP A 69 -19.41 -19.59 -1.72
CA ASP A 69 -19.39 -20.18 -3.04
C ASP A 69 -18.12 -19.73 -3.76
N PHE A 70 -17.91 -18.42 -3.73
CA PHE A 70 -16.82 -17.84 -4.46
C PHE A 70 -15.49 -18.30 -3.86
N ALA A 71 -15.34 -18.28 -2.55
CA ALA A 71 -14.08 -18.76 -1.96
C ALA A 71 -13.85 -20.22 -2.31
N VAL A 72 -14.89 -21.04 -2.14
CA VAL A 72 -14.82 -22.47 -2.51
C VAL A 72 -14.38 -22.66 -3.94
N ARG A 73 -15.12 -22.13 -4.91
CA ARG A 73 -14.73 -22.33 -6.32
C ARG A 73 -13.28 -21.88 -6.52
N HIS A 74 -12.90 -20.75 -5.95
CA HIS A 74 -11.55 -20.20 -6.19
C HIS A 74 -10.49 -20.76 -5.22
N ASP A 75 -10.92 -21.64 -4.30
CA ASP A 75 -10.07 -22.23 -3.26
C ASP A 75 -9.30 -21.15 -2.40
N LEU A 76 -10.09 -20.25 -1.81
CA LEU A 76 -9.53 -19.16 -0.99
C LEU A 76 -9.93 -19.29 0.50
N HIS A 77 -9.01 -18.92 1.39
CA HIS A 77 -9.30 -18.73 2.81
C HIS A 77 -10.45 -17.70 2.99
N GLU A 78 -11.63 -18.18 3.36
CA GLU A 78 -12.87 -17.38 3.40
C GLU A 78 -12.81 -16.09 4.22
N PRO A 79 -12.20 -16.14 5.42
CA PRO A 79 -12.23 -14.92 6.21
C PRO A 79 -11.44 -13.80 5.56
N ALA A 80 -10.42 -14.12 4.78
CA ALA A 80 -9.68 -13.07 4.06
C ALA A 80 -10.52 -12.58 2.90
N VAL A 81 -11.31 -13.49 2.33
CA VAL A 81 -12.20 -13.16 1.25
C VAL A 81 -13.22 -12.18 1.75
N VAL A 82 -13.74 -12.44 2.95
CA VAL A 82 -14.71 -11.52 3.57
C VAL A 82 -14.09 -10.14 3.83
N GLY A 83 -12.90 -10.13 4.41
CA GLY A 83 -12.16 -8.91 4.63
C GLY A 83 -12.04 -8.14 3.33
N MET A 84 -11.64 -8.84 2.29
CA MET A 84 -11.43 -8.21 1.01
C MET A 84 -12.71 -7.55 0.54
N PHE A 85 -13.87 -8.17 0.78
CA PHE A 85 -15.12 -7.66 0.27
C PHE A 85 -15.66 -6.60 1.20
N THR A 86 -15.38 -6.73 2.48
CA THR A 86 -15.64 -5.65 3.43
C THR A 86 -14.82 -4.38 3.09
N ALA A 87 -13.55 -4.58 2.74
CA ALA A 87 -12.71 -3.44 2.33
C ALA A 87 -13.37 -2.66 1.20
N LEU A 88 -13.91 -3.39 0.23
CA LEU A 88 -14.61 -2.77 -0.90
C LEU A 88 -15.93 -2.11 -0.51
N ALA A 89 -16.67 -2.74 0.40
CA ALA A 89 -17.92 -2.17 0.86
C ALA A 89 -17.72 -0.93 1.70
N SER A 90 -16.57 -0.81 2.35
CA SER A 90 -16.29 0.29 3.29
C SER A 90 -16.29 1.62 2.58
N VAL A 91 -16.14 1.58 1.26
CA VAL A 91 -16.18 2.81 0.48
C VAL A 91 -17.12 2.76 -0.70
N GLY A 92 -18.12 1.87 -0.69
CA GLY A 92 -19.19 1.96 -1.68
C GLY A 92 -19.00 1.29 -3.02
N ILE A 93 -17.96 0.49 -3.16
CA ILE A 93 -17.73 -0.18 -4.42
C ILE A 93 -18.68 -1.35 -4.49
N VAL A 94 -18.82 -2.06 -3.39
CA VAL A 94 -19.81 -3.14 -3.28
C VAL A 94 -20.61 -2.94 -2.04
N ARG A 95 -21.65 -3.75 -1.88
CA ARG A 95 -22.54 -3.68 -0.71
C ARG A 95 -22.79 -5.11 -0.22
N ARG A 96 -22.62 -5.32 1.08
CA ARG A 96 -22.82 -6.65 1.64
C ARG A 96 -24.18 -6.89 2.30
N GLU A 97 -24.79 -8.01 1.93
CA GLU A 97 -26.11 -8.44 2.43
C GLU A 97 -25.93 -9.92 2.75
N GLY A 98 -25.52 -10.20 3.99
CA GLY A 98 -25.21 -11.57 4.40
C GLY A 98 -23.94 -12.06 3.75
N ALA A 99 -23.96 -13.33 3.32
CA ALA A 99 -22.87 -13.87 2.52
C ALA A 99 -23.01 -13.49 1.04
N THR A 100 -23.97 -12.61 0.75
CA THR A 100 -24.19 -12.12 -0.63
C THR A 100 -23.51 -10.76 -0.84
N VAL A 101 -22.67 -10.68 -1.88
CA VAL A 101 -22.07 -9.42 -2.26
C VAL A 101 -22.70 -8.87 -3.54
N VAL A 102 -23.09 -7.62 -3.45
CA VAL A 102 -23.80 -6.94 -4.49
C VAL A 102 -23.01 -5.71 -4.98
N VAL A 103 -23.00 -5.49 -6.29
CA VAL A 103 -22.32 -4.33 -6.87
C VAL A 103 -22.86 -3.08 -6.18
N GLY A 104 -22.03 -2.06 -6.00
CA GLY A 104 -22.40 -0.87 -5.28
C GLY A 104 -22.44 0.32 -6.21
N PRO A 105 -22.69 1.51 -5.65
CA PRO A 105 -22.78 2.72 -6.46
C PRO A 105 -21.51 3.03 -7.23
N TYR A 106 -20.37 2.76 -6.64
CA TYR A 106 -19.12 3.04 -7.34
C TYR A 106 -18.50 1.86 -8.06
N PHE A 107 -19.24 0.77 -8.23
CA PHE A 107 -18.68 -0.43 -8.90
C PHE A 107 -18.27 -0.20 -10.37
N ASP A 108 -19.16 0.35 -11.18
CA ASP A 108 -18.82 0.60 -12.58
C ASP A 108 -17.53 1.40 -12.73
N GLU A 109 -17.43 2.51 -12.02
CA GLU A 109 -16.26 3.35 -12.08
C GLU A 109 -15.03 2.61 -11.53
N ALA A 110 -15.16 1.94 -10.39
CA ALA A 110 -13.97 1.31 -9.81
C ALA A 110 -13.50 0.26 -10.78
N ASN A 111 -14.45 -0.59 -11.18
CA ASN A 111 -14.14 -1.67 -12.08
C ASN A 111 -13.49 -1.15 -13.35
N HIS A 112 -14.04 -0.05 -13.90
CA HIS A 112 -13.46 0.60 -15.10
C HIS A 112 -11.95 0.87 -14.91
N HIS A 113 -11.58 1.43 -13.78
CA HIS A 113 -10.24 1.86 -13.58
C HIS A 113 -9.42 0.83 -12.82
N ARG A 114 -9.87 -0.42 -12.82
CA ARG A 114 -9.30 -1.42 -11.97
C ARG A 114 -7.84 -1.63 -12.20
N SER A 115 -7.41 -1.64 -13.46
CA SER A 115 -5.98 -1.82 -13.82
C SER A 115 -5.07 -0.75 -13.21
N LEU A 116 -5.62 0.44 -13.07
CA LEU A 116 -4.91 1.55 -12.49
C LEU A 116 -4.66 1.39 -10.99
N PHE A 117 -5.69 0.88 -10.26
CA PHE A 117 -5.52 0.54 -8.84
C PHE A 117 -4.50 -0.57 -8.71
N HIS A 118 -4.65 -1.58 -9.59
CA HIS A 118 -3.69 -2.69 -9.60
C HIS A 118 -2.23 -2.13 -9.70
N TRP A 119 -1.97 -1.32 -10.73
CA TRP A 119 -0.70 -0.64 -10.94
C TRP A 119 -0.18 0.06 -9.70
N LEU A 120 -1.08 0.79 -9.03
CA LEU A 120 -0.71 1.55 -7.82
C LEU A 120 -0.32 0.65 -6.70
N ASN A 121 -1.04 -0.44 -6.54
CA ASN A 121 -0.91 -1.28 -5.38
C ASN A 121 -0.07 -2.49 -5.70
N GLN A 122 -0.65 -3.44 -6.44
CA GLN A 122 0.07 -4.66 -6.78
C GLN A 122 1.36 -4.39 -7.59
N GLY A 123 1.30 -3.57 -8.64
CA GLY A 123 2.53 -3.23 -9.38
C GLY A 123 3.53 -2.36 -8.63
N SER A 124 3.05 -1.26 -8.04
CA SER A 124 3.91 -0.23 -7.50
C SER A 124 3.82 0.01 -5.97
N GLY A 125 3.17 -0.86 -5.22
CA GLY A 125 3.09 -0.68 -3.76
C GLY A 125 4.43 -0.62 -3.03
N GLU A 126 5.37 -1.50 -3.36
CA GLU A 126 6.69 -1.47 -2.73
C GLU A 126 7.39 -0.11 -2.89
N LEU A 127 7.12 0.57 -3.99
CA LEU A 127 7.72 1.89 -4.18
C LEU A 127 7.16 2.91 -3.17
N PHE A 128 5.85 3.03 -3.13
CA PHE A 128 5.22 4.07 -2.31
C PHE A 128 5.34 3.71 -0.83
N ARG A 129 5.37 2.42 -0.50
CA ARG A 129 5.56 2.01 0.88
C ARG A 129 6.86 2.58 1.46
N ARG A 130 7.93 2.57 0.64
CA ARG A 130 9.27 2.89 1.12
C ARG A 130 9.60 4.35 0.86
N MET A 131 8.56 5.14 0.77
CA MET A 131 8.66 6.57 0.69
C MET A 131 9.66 7.17 1.67
N PRO A 132 9.69 6.66 2.94
CA PRO A 132 10.70 7.17 3.87
C PRO A 132 12.13 6.83 3.47
N GLN A 133 12.37 5.67 2.89
CA GLN A 133 13.73 5.32 2.55
C GLN A 133 14.16 5.82 1.15
N VAL A 134 13.20 6.26 0.32
CA VAL A 134 13.43 6.56 -1.11
C VAL A 134 13.63 8.07 -1.32
N LEU A 135 13.03 8.88 -0.44
CA LEU A 135 13.12 10.33 -0.58
C LEU A 135 14.49 10.90 -0.20
N PRO A 136 15.13 10.33 0.83
CA PRO A 136 16.43 10.91 1.20
C PRO A 136 17.48 10.71 0.11
N ASN A 137 18.11 11.81 -0.33
CA ASN A 137 19.08 11.76 -1.43
C ASN A 137 20.21 10.75 -1.26
N GLU A 138 20.80 10.73 -0.07
CA GLU A 138 21.83 9.74 0.26
C GLU A 138 21.51 8.32 -0.21
N ASN A 139 20.23 7.92 -0.19
CA ASN A 139 19.88 6.54 -0.56
C ASN A 139 19.76 6.29 -2.05
N ARG A 140 19.77 7.37 -2.84
CA ARG A 140 19.34 7.29 -4.21
C ARG A 140 20.45 6.87 -5.18
N THR A 141 21.04 5.70 -4.97
CA THR A 141 22.03 5.16 -5.93
C THR A 141 21.72 3.72 -6.16
N GLY A 142 22.00 3.25 -7.36
CA GLY A 142 21.74 1.86 -7.70
C GLY A 142 20.25 1.54 -7.70
N LYS A 143 19.91 0.39 -7.14
CA LYS A 143 18.57 -0.10 -7.22
C LYS A 143 17.83 0.42 -6.01
N PHE A 144 17.53 1.71 -5.98
CA PHE A 144 16.99 2.30 -4.76
C PHE A 144 15.51 2.07 -4.52
N TYR A 145 14.78 1.60 -5.54
CA TYR A 145 13.39 1.14 -5.34
C TYR A 145 13.14 -0.17 -6.02
N GLN A 146 12.04 -0.81 -5.65
CA GLN A 146 11.72 -2.11 -6.21
C GLN A 146 10.29 -2.02 -6.68
N ARG A 147 10.00 -2.74 -7.77
CA ARG A 147 8.62 -2.95 -8.19
C ARG A 147 8.42 -4.37 -8.67
N ASP A 148 7.16 -4.75 -8.83
CA ASP A 148 6.81 -6.12 -9.19
C ASP A 148 6.53 -6.14 -10.67
N ALA A 149 7.57 -6.50 -11.42
CA ALA A 149 7.50 -6.50 -12.88
C ALA A 149 6.35 -7.39 -13.41
N GLY A 150 6.10 -8.53 -12.81
CA GLY A 150 5.00 -9.38 -13.28
C GLY A 150 3.69 -8.64 -13.13
N ALA A 151 3.49 -8.08 -11.93
CA ALA A 151 2.27 -7.37 -11.58
C ALA A 151 2.03 -6.21 -12.51
N ILE A 152 3.10 -5.46 -12.76
CA ILE A 152 2.99 -4.25 -13.57
C ILE A 152 2.57 -4.63 -15.00
N SER A 153 3.30 -5.58 -15.57
CA SER A 153 2.98 -6.16 -16.85
C SER A 153 1.51 -6.61 -16.93
N TYR A 154 1.03 -7.28 -15.89
CA TYR A 154 -0.36 -7.75 -15.84
C TYR A 154 -1.34 -6.64 -16.06
N ALA A 155 -1.08 -5.52 -15.39
CA ALA A 155 -1.93 -4.35 -15.47
C ALA A 155 -1.75 -3.58 -16.77
N CYS A 156 -0.51 -3.50 -17.25
CA CYS A 156 -0.24 -2.64 -18.42
C CYS A 156 -1.05 -3.20 -19.64
N ARG A 157 -1.23 -4.52 -19.69
CA ARG A 157 -2.04 -5.16 -20.71
C ARG A 157 -3.42 -4.56 -20.80
N GLU A 158 -4.09 -4.41 -19.67
CA GLU A 158 -5.43 -3.83 -19.68
C GLU A 158 -5.37 -2.32 -19.87
N ILE A 159 -4.37 -1.65 -19.29
CA ILE A 159 -4.27 -0.23 -19.40
C ILE A 159 -4.19 0.07 -20.89
N SER A 160 -3.31 -0.64 -21.58
CA SER A 160 -3.17 -0.45 -22.99
C SER A 160 -4.51 -0.58 -23.66
N GLU A 161 -5.20 -1.65 -23.37
CA GLU A 161 -6.42 -1.96 -24.09
C GLU A 161 -7.58 -1.02 -23.73
N ARG A 162 -7.86 -0.79 -22.44
CA ARG A 162 -8.98 0.09 -22.04
C ARG A 162 -8.82 1.58 -22.33
N TYR A 163 -7.59 2.08 -22.30
CA TYR A 163 -7.38 3.53 -22.42
C TYR A 163 -6.72 3.93 -23.75
N PHE A 164 -5.79 3.14 -24.26
CA PHE A 164 -5.11 3.53 -25.49
C PHE A 164 -5.72 3.00 -26.80
N ASP A 165 -6.41 1.87 -26.75
CA ASP A 165 -6.86 1.18 -28.00
C ASP A 165 -7.76 1.96 -28.96
N PRO A 166 -8.89 2.51 -28.47
CA PRO A 166 -9.71 3.37 -29.31
C PRO A 166 -8.88 4.34 -30.15
N ALA A 167 -8.01 5.14 -29.52
CA ALA A 167 -7.13 6.09 -30.26
C ALA A 167 -6.11 5.34 -31.14
N PHE A 168 -5.54 4.28 -30.58
CA PHE A 168 -4.67 3.42 -31.36
C PHE A 168 -5.28 2.92 -32.67
N TRP A 169 -6.44 2.28 -32.61
CA TRP A 169 -7.12 1.82 -33.84
C TRP A 169 -7.57 2.98 -34.72
N ALA A 170 -8.06 4.07 -34.15
CA ALA A 170 -8.37 5.25 -34.99
C ALA A 170 -7.12 5.71 -35.76
N ALA A 171 -5.95 5.69 -35.13
CA ALA A 171 -4.76 6.08 -35.83
C ALA A 171 -4.43 5.07 -36.94
N VAL A 172 -4.60 3.78 -36.65
CA VAL A 172 -4.39 2.75 -37.65
C VAL A 172 -5.34 2.92 -38.84
N ASP A 173 -6.63 3.16 -38.57
CA ASP A 173 -7.65 3.42 -39.61
C ASP A 173 -7.33 4.59 -40.56
N GLY A 174 -6.59 5.61 -40.09
CA GLY A 174 -6.29 6.80 -40.89
C GLY A 174 -4.82 6.93 -41.21
N LEU A 175 -4.10 5.83 -41.22
CA LEU A 175 -2.70 5.88 -41.60
C LEU A 175 -2.42 6.40 -43.01
N GLY A 176 -3.37 6.21 -43.93
CA GLY A 176 -3.18 6.48 -45.34
C GLY A 176 -2.33 5.46 -46.07
N TYR A 177 -2.02 4.34 -45.40
CA TYR A 177 -1.37 3.21 -46.07
C TYR A 177 -1.64 2.03 -45.19
N THR A 178 -1.36 0.86 -45.74
CA THR A 178 -1.56 -0.41 -45.09
C THR A 178 -0.15 -0.87 -44.82
N PRO A 179 0.18 -1.09 -43.54
CA PRO A 179 1.54 -1.48 -43.20
C PRO A 179 1.88 -2.85 -43.78
N THR A 180 3.17 -3.09 -43.97
CA THR A 180 3.66 -4.40 -44.39
C THR A 180 4.61 -5.01 -43.32
N THR A 181 5.38 -4.16 -42.65
CA THR A 181 6.19 -4.58 -41.51
C THR A 181 6.17 -3.54 -40.40
N VAL A 182 5.67 -3.96 -39.22
CA VAL A 182 5.48 -3.06 -38.05
C VAL A 182 6.39 -3.48 -36.91
N ALA A 183 7.01 -2.50 -36.28
CA ALA A 183 7.81 -2.74 -35.08
C ALA A 183 7.13 -1.99 -33.95
N ASP A 184 7.11 -2.63 -32.79
CA ASP A 184 6.50 -2.14 -31.58
C ASP A 184 7.61 -2.21 -30.52
N LEU A 185 7.91 -1.02 -29.97
CA LEU A 185 8.86 -0.79 -28.89
C LEU A 185 8.18 -0.91 -27.52
N GLY A 186 8.71 -1.78 -26.65
CA GLY A 186 7.98 -2.23 -25.48
C GLY A 186 6.81 -3.12 -25.89
N SER A 187 7.17 -4.21 -26.59
CA SER A 187 6.21 -5.18 -27.16
C SER A 187 5.48 -5.96 -26.09
N GLY A 188 6.14 -6.16 -24.95
CA GLY A 188 5.46 -6.72 -23.75
C GLY A 188 5.01 -8.17 -23.91
N SER A 189 3.69 -8.38 -23.84
CA SER A 189 3.04 -9.71 -24.03
C SER A 189 2.94 -10.11 -25.51
N GLY A 190 3.26 -9.18 -26.40
CA GLY A 190 3.10 -9.42 -27.83
C GLY A 190 1.69 -9.16 -28.35
N GLU A 191 0.78 -8.68 -27.50
CA GLU A 191 -0.64 -8.58 -27.88
C GLU A 191 -0.89 -7.43 -28.90
N ARG A 192 -0.14 -6.33 -28.79
CA ARG A 192 -0.27 -5.28 -29.80
C ARG A 192 0.04 -5.81 -31.20
N LEU A 193 1.14 -6.54 -31.33
CA LEU A 193 1.55 -7.11 -32.65
C LEU A 193 0.57 -8.20 -33.14
N ILE A 194 0.08 -8.99 -32.18
CA ILE A 194 -0.92 -9.99 -32.47
C ILE A 194 -2.14 -9.35 -33.09
N GLN A 195 -2.68 -8.33 -32.43
CA GLN A 195 -3.88 -7.70 -32.93
C GLN A 195 -3.65 -7.09 -34.31
N ILE A 196 -2.47 -6.50 -34.50
CA ILE A 196 -2.10 -5.89 -35.78
C ILE A 196 -2.15 -6.96 -36.85
N ALA A 197 -1.66 -8.15 -36.50
CA ALA A 197 -1.69 -9.28 -37.41
C ALA A 197 -3.13 -9.73 -37.64
N ARG A 198 -3.95 -9.87 -36.61
CA ARG A 198 -5.36 -10.26 -36.85
C ARG A 198 -6.03 -9.26 -37.85
N ARG A 199 -5.66 -7.98 -37.83
CA ARG A 199 -6.27 -6.92 -38.67
C ARG A 199 -5.68 -6.88 -40.10
N PHE A 200 -4.35 -7.07 -40.19
CA PHE A 200 -3.65 -7.13 -41.45
C PHE A 200 -2.94 -8.46 -41.64
N PRO A 201 -3.63 -9.47 -42.15
CA PRO A 201 -3.02 -10.81 -42.19
C PRO A 201 -1.65 -10.92 -42.82
N GLY A 202 -1.39 -10.25 -43.92
CA GLY A 202 -0.05 -10.39 -44.51
C GLY A 202 1.12 -9.85 -43.68
N VAL A 203 0.82 -8.97 -42.74
CA VAL A 203 1.87 -8.19 -42.09
C VAL A 203 2.97 -9.03 -41.42
N ARG A 204 4.22 -8.58 -41.45
CA ARG A 204 5.27 -9.09 -40.51
C ARG A 204 5.27 -8.20 -39.28
N GLY A 205 5.64 -8.80 -38.16
CA GLY A 205 5.62 -8.10 -36.89
C GLY A 205 6.94 -8.26 -36.17
N LEU A 206 7.39 -7.17 -35.55
CA LEU A 206 8.67 -7.17 -34.85
C LEU A 206 8.53 -6.43 -33.51
N GLY A 207 8.80 -7.14 -32.42
CA GLY A 207 8.71 -6.60 -31.05
C GLY A 207 10.09 -6.37 -30.46
N VAL A 208 10.27 -5.18 -29.89
CA VAL A 208 11.46 -4.86 -29.16
C VAL A 208 11.10 -4.69 -27.71
N ASP A 209 11.71 -5.47 -26.82
CA ASP A 209 11.48 -5.27 -25.38
C ASP A 209 12.78 -5.45 -24.61
N ILE A 210 12.93 -4.70 -23.54
CA ILE A 210 14.21 -4.70 -22.85
C ILE A 210 14.28 -5.87 -21.88
N ALA A 211 13.12 -6.43 -21.53
CA ALA A 211 13.01 -7.48 -20.53
C ALA A 211 12.89 -8.88 -21.17
N ASP A 212 13.87 -9.72 -20.84
CA ASP A 212 13.96 -11.11 -21.29
C ASP A 212 12.65 -11.86 -21.14
N GLY A 213 12.03 -11.61 -19.99
CA GLY A 213 10.76 -12.25 -19.62
C GLY A 213 9.55 -11.77 -20.38
N ALA A 214 9.57 -10.53 -20.88
CA ALA A 214 8.56 -10.05 -21.85
C ALA A 214 8.69 -10.81 -23.16
N ILE A 215 9.92 -10.87 -23.68
CA ILE A 215 10.26 -11.63 -24.91
C ILE A 215 9.81 -13.09 -24.83
N ALA A 216 10.09 -13.74 -23.70
CA ALA A 216 9.83 -15.16 -23.51
C ALA A 216 8.34 -15.42 -23.56
N MET A 217 7.59 -14.66 -22.74
CA MET A 217 6.14 -14.63 -22.80
C MET A 217 5.60 -14.37 -24.22
N ALA A 218 6.05 -13.30 -24.86
CA ALA A 218 5.50 -12.89 -26.17
C ALA A 218 5.70 -13.96 -27.23
N GLU A 219 6.94 -14.41 -27.37
CA GLU A 219 7.27 -15.53 -28.24
C GLU A 219 6.41 -16.76 -28.02
N LYS A 220 6.24 -17.13 -26.75
CA LYS A 220 5.40 -18.26 -26.37
C LYS A 220 3.95 -18.02 -26.83
N GLU A 221 3.46 -16.83 -26.55
CA GLU A 221 2.09 -16.43 -26.83
C GLU A 221 1.86 -16.36 -28.35
N VAL A 222 2.79 -15.74 -29.05
CA VAL A 222 2.75 -15.60 -30.51
C VAL A 222 2.72 -16.98 -31.19
N ALA A 223 3.61 -17.85 -30.72
CA ALA A 223 3.72 -19.23 -31.23
C ALA A 223 2.43 -20.04 -31.01
N ALA A 224 1.82 -19.91 -29.82
CA ALA A 224 0.67 -20.73 -29.46
C ALA A 224 -0.52 -20.41 -30.36
N LYS A 225 -0.64 -19.14 -30.70
CA LYS A 225 -1.77 -18.69 -31.45
C LYS A 225 -1.60 -18.88 -32.95
N GLY A 226 -0.43 -19.33 -33.39
CA GLY A 226 -0.11 -19.55 -34.81
C GLY A 226 0.52 -18.39 -35.61
N PHE A 227 0.90 -17.30 -34.92
CA PHE A 227 1.58 -16.17 -35.57
C PHE A 227 3.07 -16.26 -35.42
N GLY A 228 3.61 -17.46 -35.18
CA GLY A 228 5.04 -17.61 -34.90
C GLY A 228 5.95 -17.42 -36.11
N ASP A 229 5.35 -17.47 -37.29
CA ASP A 229 6.05 -17.35 -38.55
C ASP A 229 5.99 -15.89 -39.08
N GLN A 230 5.14 -15.06 -38.47
CA GLN A 230 4.96 -13.67 -38.86
C GLN A 230 5.57 -12.69 -37.91
N ILE A 231 5.60 -13.05 -36.63
CA ILE A 231 5.99 -12.15 -35.57
C ILE A 231 7.12 -12.77 -34.82
N SER A 232 8.18 -11.99 -34.66
CA SER A 232 9.34 -12.36 -33.86
C SER A 232 9.84 -11.18 -33.00
N PHE A 233 10.88 -11.43 -32.20
CA PHE A 233 11.28 -10.50 -31.11
C PHE A 233 12.76 -10.33 -30.90
N VAL A 234 13.12 -9.16 -30.40
CA VAL A 234 14.51 -8.86 -30.06
C VAL A 234 14.63 -8.06 -28.78
N ARG A 235 15.58 -8.45 -27.94
CA ARG A 235 15.87 -7.66 -26.76
C ARG A 235 16.54 -6.40 -27.23
N GLY A 236 16.14 -5.29 -26.64
CA GLY A 236 16.71 -4.00 -26.98
C GLY A 236 16.08 -2.93 -26.13
N ASP A 237 16.85 -1.89 -25.84
CA ASP A 237 16.32 -0.69 -25.22
C ASP A 237 16.15 0.35 -26.34
N ALA A 238 14.92 0.85 -26.49
CA ALA A 238 14.64 1.89 -27.51
C ALA A 238 15.46 3.16 -27.31
N ARG A 239 15.76 3.50 -26.04
CA ARG A 239 16.75 4.57 -25.77
C ARG A 239 18.08 4.38 -26.55
N THR A 240 18.55 3.13 -26.65
CA THR A 240 19.77 2.80 -27.40
C THR A 240 19.44 1.94 -28.63
N ILE A 241 18.36 2.29 -29.33
CA ILE A 241 17.85 1.50 -30.46
C ILE A 241 18.93 1.26 -31.51
N ASP A 242 19.84 2.21 -31.62
CA ASP A 242 20.94 2.12 -32.56
C ASP A 242 21.92 0.97 -32.28
N GLN A 243 21.89 0.43 -31.07
CA GLN A 243 22.77 -0.70 -30.69
C GLN A 243 22.16 -2.05 -30.97
N VAL A 244 20.87 -2.08 -31.28
CA VAL A 244 20.16 -3.34 -31.42
C VAL A 244 20.50 -3.93 -32.78
N SER A 245 21.27 -5.03 -32.79
CA SER A 245 21.82 -5.51 -34.07
C SER A 245 20.88 -6.48 -34.75
N ALA A 246 19.82 -5.88 -35.31
CA ALA A 246 18.88 -6.51 -36.23
C ALA A 246 18.57 -5.45 -37.33
N ARG A 247 19.58 -4.66 -37.65
CA ARG A 247 19.42 -3.47 -38.51
C ARG A 247 18.67 -3.72 -39.87
N GLY A 248 18.81 -4.94 -40.42
CA GLY A 248 18.27 -5.27 -41.74
C GLY A 248 16.76 -5.47 -41.69
N GLU A 249 16.29 -6.10 -40.62
CA GLU A 249 14.87 -6.21 -40.37
C GLU A 249 14.33 -4.80 -40.14
N PHE A 250 15.01 -4.02 -39.29
CA PHE A 250 14.60 -2.61 -39.03
C PHE A 250 14.35 -1.79 -40.28
N ALA A 251 15.18 -1.99 -41.32
CA ALA A 251 15.07 -1.25 -42.59
C ALA A 251 13.78 -1.55 -43.35
N GLU A 252 13.22 -2.73 -43.13
CA GLU A 252 12.01 -3.14 -43.81
C GLU A 252 10.76 -2.58 -43.16
N VAL A 253 10.90 -1.98 -41.98
CA VAL A 253 9.76 -1.55 -41.20
C VAL A 253 9.16 -0.27 -41.74
N ASP A 254 7.86 -0.26 -42.01
CA ASP A 254 7.20 0.96 -42.47
C ASP A 254 6.14 1.58 -41.46
N LEU A 255 5.90 0.88 -40.34
CA LEU A 255 5.00 1.37 -39.26
C LEU A 255 5.67 1.15 -37.93
N LEU A 256 5.85 2.23 -37.15
CA LEU A 256 6.46 2.10 -35.84
C LEU A 256 5.45 2.42 -34.74
N THR A 257 5.36 1.56 -33.72
CA THR A 257 4.47 1.80 -32.57
C THR A 257 5.27 1.86 -31.25
N CYS A 258 4.90 2.77 -30.35
CA CYS A 258 5.54 2.84 -29.04
C CYS A 258 4.52 3.38 -28.05
N PHE A 259 4.21 2.60 -27.04
CA PHE A 259 3.16 2.97 -26.09
C PHE A 259 3.64 2.90 -24.67
N MET A 260 3.34 3.94 -23.90
CA MET A 260 3.55 3.89 -22.46
C MET A 260 5.01 3.88 -22.00
N MET A 261 5.93 4.37 -22.83
CA MET A 261 7.32 4.49 -22.38
C MET A 261 8.08 5.72 -22.86
N GLY A 262 7.43 6.60 -23.65
CA GLY A 262 8.09 7.72 -24.26
C GLY A 262 8.67 8.62 -23.18
N HIS A 263 7.97 8.75 -22.05
CA HIS A 263 8.46 9.56 -20.98
C HIS A 263 9.86 9.13 -20.57
N ASP A 264 10.17 7.84 -20.68
CA ASP A 264 11.47 7.29 -20.31
C ASP A 264 12.61 7.72 -21.27
N PHE A 265 12.29 8.36 -22.38
CA PHE A 265 13.31 8.90 -23.27
C PHE A 265 13.80 10.24 -22.73
N TRP A 266 13.00 10.92 -21.91
CA TRP A 266 13.40 12.24 -21.38
C TRP A 266 14.45 12.02 -20.30
N PRO A 267 15.10 13.05 -19.81
CA PRO A 267 15.05 14.50 -20.10
C PRO A 267 15.19 14.88 -21.57
N ARG A 268 14.96 16.14 -21.84
CA ARG A 268 14.79 16.60 -23.18
C ARG A 268 15.91 16.23 -24.16
N GLU A 269 17.14 16.50 -23.75
CA GLU A 269 18.35 16.27 -24.54
C GLU A 269 18.40 14.81 -24.98
N ASN A 270 18.04 13.93 -24.05
CA ASN A 270 18.01 12.51 -24.28
C ASN A 270 16.92 12.10 -25.29
N CYS A 271 15.79 12.77 -25.24
CA CYS A 271 14.66 12.42 -26.09
C CYS A 271 15.03 12.83 -27.51
N VAL A 272 15.52 14.06 -27.67
CA VAL A 272 16.08 14.48 -28.98
C VAL A 272 17.01 13.42 -29.53
N GLN A 273 17.92 12.90 -28.73
CA GLN A 273 18.88 11.94 -29.28
C GLN A 273 18.24 10.60 -29.67
N THR A 274 17.31 10.15 -28.83
CA THR A 274 16.57 8.92 -29.05
C THR A 274 15.65 9.01 -30.26
N LEU A 275 14.98 10.13 -30.40
CA LEU A 275 14.15 10.35 -31.54
C LEU A 275 14.97 10.36 -32.82
N ARG A 276 16.17 10.95 -32.76
CA ARG A 276 17.03 10.97 -33.95
C ARG A 276 17.52 9.53 -34.25
N LYS A 277 17.79 8.73 -33.23
CA LYS A 277 18.30 7.41 -33.50
C LYS A 277 17.23 6.49 -34.00
N LEU A 278 15.99 6.73 -33.56
CA LEU A 278 14.86 5.95 -34.03
C LEU A 278 14.65 6.26 -35.46
N ARG A 279 14.74 7.53 -35.81
CA ARG A 279 14.63 7.96 -37.19
C ARG A 279 15.59 7.20 -38.08
N ALA A 280 16.84 7.11 -37.65
CA ALA A 280 17.90 6.43 -38.44
C ALA A 280 17.77 4.92 -38.50
N ALA A 281 17.47 4.32 -37.36
CA ALA A 281 17.32 2.88 -37.28
C ALA A 281 16.15 2.39 -38.14
N PHE A 282 15.11 3.22 -38.26
CA PHE A 282 13.94 2.85 -39.11
C PHE A 282 13.72 3.86 -40.24
N PRO A 283 14.61 3.84 -41.25
CA PRO A 283 14.54 4.88 -42.26
C PRO A 283 13.37 4.76 -43.20
N ASN A 284 12.72 3.60 -43.23
CA ASN A 284 11.54 3.42 -44.07
C ASN A 284 10.23 3.46 -43.29
N VAL A 285 10.29 3.73 -42.00
CA VAL A 285 9.07 3.99 -41.29
C VAL A 285 8.46 5.22 -41.90
N ARG A 286 7.19 5.08 -42.20
CA ARG A 286 6.42 6.11 -42.76
C ARG A 286 5.68 6.80 -41.65
N ARG A 287 4.95 6.06 -40.83
CA ARG A 287 4.30 6.60 -39.64
C ARG A 287 4.83 5.94 -38.35
N PHE A 288 4.90 6.77 -37.32
CA PHE A 288 5.35 6.39 -36.01
C PHE A 288 4.28 6.80 -34.95
N LEU A 289 3.62 5.79 -34.37
CA LEU A 289 2.60 5.95 -33.33
C LEU A 289 3.20 5.92 -31.92
N LEU A 290 3.06 7.07 -31.26
CA LEU A 290 3.63 7.27 -29.95
C LEU A 290 2.54 7.69 -28.98
N GLY A 291 2.19 6.79 -28.07
CA GLY A 291 1.17 7.02 -27.05
C GLY A 291 1.71 6.95 -25.64
N ASP A 292 1.36 7.94 -24.83
CA ASP A 292 1.83 8.05 -23.46
C ASP A 292 0.94 8.95 -22.63
N ALA A 293 1.05 8.74 -21.32
CA ALA A 293 0.56 9.71 -20.36
C ALA A 293 1.62 10.79 -20.15
N THR A 294 1.16 11.97 -19.81
CA THR A 294 2.00 13.14 -19.66
C THR A 294 1.74 13.81 -18.32
N ARG A 295 2.70 14.60 -17.86
CA ARG A 295 2.55 15.35 -16.63
C ARG A 295 1.51 16.46 -16.80
N THR A 296 0.61 16.60 -15.81
CA THR A 296 -0.42 17.68 -15.82
C THR A 296 0.15 18.99 -15.24
N VAL A 297 -0.58 20.08 -15.42
CA VAL A 297 -0.19 21.37 -14.87
C VAL A 297 -1.40 22.12 -14.38
N GLY A 298 -1.23 22.75 -13.21
CA GLY A 298 -2.27 23.52 -12.53
C GLY A 298 -3.61 22.89 -12.18
N ILE A 299 -3.70 21.57 -12.02
CA ILE A 299 -4.94 20.98 -11.53
C ILE A 299 -4.99 21.22 -10.02
N PRO A 300 -6.08 21.75 -9.50
CA PRO A 300 -6.22 21.89 -8.03
C PRO A 300 -6.09 20.55 -7.28
N ASP A 301 -5.37 20.58 -6.17
CA ASP A 301 -5.14 19.37 -5.38
C ASP A 301 -6.39 18.54 -5.05
N ARG A 302 -7.53 19.18 -4.84
CA ARG A 302 -8.69 18.45 -4.39
C ARG A 302 -9.58 18.07 -5.55
N GLU A 303 -9.11 18.27 -6.78
CA GLU A 303 -9.82 17.76 -7.94
C GLU A 303 -8.91 16.94 -8.82
N LEU A 304 -7.97 16.20 -8.25
CA LEU A 304 -7.08 15.43 -9.08
C LEU A 304 -7.91 14.27 -9.51
N PRO A 305 -7.87 13.94 -10.80
CA PRO A 305 -8.62 12.77 -11.22
C PRO A 305 -7.81 11.51 -10.93
N VAL A 306 -8.45 10.35 -11.09
CA VAL A 306 -7.76 9.06 -10.88
C VAL A 306 -6.45 8.97 -11.68
N PHE A 307 -5.44 8.34 -11.08
CA PHE A 307 -4.12 8.02 -11.74
C PHE A 307 -3.06 9.12 -11.74
N THR A 308 -3.48 10.32 -12.13
CA THR A 308 -2.57 11.50 -12.25
C THR A 308 -1.52 11.59 -11.12
N LEU A 309 -2.02 11.56 -9.89
CA LEU A 309 -1.15 11.71 -8.73
C LEU A 309 -0.17 10.53 -8.63
N GLY A 310 -0.69 9.32 -8.86
CA GLY A 310 0.10 8.09 -8.89
C GLY A 310 1.20 8.15 -9.94
N PHE A 311 0.82 8.51 -11.15
CA PHE A 311 1.76 8.49 -12.24
C PHE A 311 2.85 9.48 -11.94
N GLU A 312 2.45 10.71 -11.64
CA GLU A 312 3.39 11.81 -11.41
C GLU A 312 4.26 11.62 -10.16
N PHE A 313 3.61 11.34 -9.02
CA PHE A 313 4.33 11.14 -7.78
C PHE A 313 5.24 9.90 -7.85
N GLY A 314 4.75 8.83 -8.43
CA GLY A 314 5.58 7.63 -8.62
C GLY A 314 6.84 7.88 -9.42
N HIS A 315 6.73 8.70 -10.48
CA HIS A 315 7.88 8.95 -11.32
C HIS A 315 8.87 9.92 -10.67
N ASP A 316 8.35 10.94 -9.97
CA ASP A 316 9.23 11.79 -9.16
C ASP A 316 10.00 10.94 -8.14
N MET A 317 9.32 9.98 -7.52
CA MET A 317 10.02 9.06 -6.65
C MET A 317 11.06 8.20 -7.37
N MET A 318 10.83 7.83 -8.63
CA MET A 318 11.80 6.95 -9.31
C MET A 318 12.89 7.79 -9.96
N GLY A 319 12.75 9.11 -9.91
CA GLY A 319 13.72 9.99 -10.53
C GLY A 319 13.68 10.04 -12.06
N VAL A 320 12.50 9.71 -12.62
CA VAL A 320 12.22 9.72 -14.03
C VAL A 320 11.41 10.94 -14.35
N TYR A 321 11.89 11.71 -15.33
CA TYR A 321 11.30 12.95 -15.81
C TYR A 321 10.02 12.66 -16.54
N LEU A 322 9.01 13.53 -16.37
CA LEU A 322 7.76 13.45 -17.14
C LEU A 322 7.53 14.72 -17.88
N PRO A 323 7.49 14.67 -19.24
CA PRO A 323 7.24 15.86 -19.99
C PRO A 323 5.79 16.17 -19.95
N THR A 324 5.48 17.45 -20.08
CA THR A 324 4.15 17.87 -20.44
C THR A 324 3.92 17.54 -21.91
N LEU A 325 2.65 17.61 -22.26
CA LEU A 325 2.23 17.65 -23.63
C LEU A 325 3.04 18.62 -24.48
N ASP A 326 3.06 19.90 -24.09
CA ASP A 326 3.81 20.94 -24.82
C ASP A 326 5.28 20.63 -25.00
N GLU A 327 5.88 20.05 -23.98
CA GLU A 327 7.25 19.64 -24.08
C GLU A 327 7.41 18.63 -25.24
N TRP A 328 6.54 17.61 -25.28
CA TRP A 328 6.48 16.69 -26.40
C TRP A 328 6.29 17.43 -27.74
N ASP A 329 5.24 18.25 -27.82
CA ASP A 329 4.99 19.04 -29.05
C ASP A 329 6.24 19.80 -29.51
N GLY A 330 6.99 20.34 -28.56
CA GLY A 330 8.16 21.12 -28.89
C GLY A 330 9.46 20.36 -29.06
N VAL A 331 9.43 19.02 -29.01
CA VAL A 331 10.67 18.27 -29.15
C VAL A 331 10.77 17.55 -30.51
N PHE A 332 9.65 17.29 -31.17
CA PHE A 332 9.65 16.40 -32.35
C PHE A 332 10.49 16.90 -33.55
N GLU A 333 10.41 18.21 -33.84
CA GLU A 333 11.22 18.72 -34.89
C GLU A 333 12.70 18.55 -34.62
N GLU A 334 13.24 19.05 -33.51
CA GLU A 334 14.64 18.74 -33.25
C GLU A 334 14.96 17.24 -33.30
N GLY A 335 14.01 16.41 -32.91
CA GLY A 335 14.27 15.00 -32.89
C GLY A 335 14.20 14.31 -34.24
N GLY A 336 13.77 15.03 -35.27
CA GLY A 336 13.85 14.52 -36.64
C GLY A 336 12.50 14.07 -37.14
N TRP A 337 11.43 14.50 -36.48
CA TRP A 337 10.09 14.11 -36.90
C TRP A 337 9.14 15.30 -36.99
N ARG A 338 8.06 15.06 -37.74
CA ARG A 338 6.99 16.03 -37.95
C ARG A 338 5.72 15.36 -37.47
N CYS A 339 5.09 15.94 -36.47
CA CYS A 339 3.79 15.48 -35.96
C CYS A 339 2.63 15.90 -36.85
N VAL A 340 1.96 14.91 -37.44
CA VAL A 340 0.86 15.17 -38.36
C VAL A 340 -0.50 14.93 -37.80
N LYS A 341 -0.57 14.22 -36.68
CA LYS A 341 -1.86 13.97 -36.07
C LYS A 341 -1.74 13.69 -34.61
N LYS A 342 -2.75 14.10 -33.86
CA LYS A 342 -2.74 13.98 -32.41
C LYS A 342 -4.14 13.63 -31.87
N HIS A 343 -4.20 12.66 -30.96
CA HIS A 343 -5.47 12.18 -30.38
C HIS A 343 -5.46 12.36 -28.87
N ALA A 344 -6.49 12.98 -28.30
CA ALA A 344 -6.66 12.99 -26.84
C ALA A 344 -7.22 11.68 -26.31
N ILE A 345 -6.79 11.25 -25.14
CA ILE A 345 -7.29 10.01 -24.51
C ILE A 345 -8.31 10.32 -23.38
N ASP A 346 -9.38 9.52 -23.32
CA ASP A 346 -10.28 9.47 -22.14
C ASP A 346 -9.91 8.18 -21.37
N SER A 347 -9.68 8.19 -20.06
CA SER A 347 -9.64 9.30 -19.14
C SER A 347 -8.45 8.92 -18.24
N LEU A 348 -7.25 9.16 -18.73
CA LEU A 348 -6.07 8.65 -18.12
C LEU A 348 -5.15 9.83 -17.87
N SER A 349 -5.44 10.57 -16.79
CA SER A 349 -4.73 11.81 -16.55
C SER A 349 -4.86 12.57 -17.89
N VAL A 350 -3.80 13.24 -18.37
CA VAL A 350 -3.76 13.80 -19.73
C VAL A 350 -2.89 12.87 -20.58
N SER A 351 -3.54 12.08 -21.42
CA SER A 351 -2.87 11.13 -22.26
C SER A 351 -3.20 11.35 -23.71
N VAL A 352 -2.40 10.77 -24.57
CA VAL A 352 -2.28 11.21 -25.94
C VAL A 352 -1.65 10.11 -26.81
N VAL A 353 -2.00 10.16 -28.09
CA VAL A 353 -1.29 9.45 -29.13
C VAL A 353 -0.89 10.43 -30.20
N PHE A 354 0.42 10.53 -30.46
CA PHE A 354 1.00 11.30 -31.56
C PHE A 354 1.14 10.44 -32.80
N GLU A 355 0.85 10.99 -33.97
CA GLU A 355 1.24 10.30 -35.23
C GLU A 355 2.36 11.11 -35.76
N LEU A 356 3.55 10.50 -35.77
CA LEU A 356 4.74 11.19 -36.19
C LEU A 356 5.16 10.71 -37.58
N GLU A 357 5.79 11.61 -38.34
CA GLU A 357 6.40 11.15 -39.60
C GLU A 357 7.58 12.01 -40.03
N SER B 19 -25.48 10.84 6.77
CA SER B 19 -26.17 10.61 5.52
C SER B 19 -25.36 9.77 4.55
N HIS B 20 -24.75 8.72 4.90
CA HIS B 20 -23.74 8.23 3.91
C HIS B 20 -24.30 7.35 2.73
N MET B 21 -24.21 5.99 2.89
CA MET B 21 -25.12 4.91 2.33
C MET B 21 -26.05 4.93 1.09
N SER B 22 -26.12 6.00 0.31
CA SER B 22 -26.84 5.94 -0.99
C SER B 22 -26.47 4.68 -1.83
N THR B 23 -27.38 4.22 -2.68
CA THR B 23 -27.09 3.16 -3.68
C THR B 23 -27.05 3.71 -5.08
N GLU B 24 -27.56 4.93 -5.23
CA GLU B 24 -27.74 5.64 -6.51
C GLU B 24 -26.94 6.94 -6.51
N VAL B 25 -25.95 7.03 -7.39
CA VAL B 25 -25.14 8.24 -7.56
C VAL B 25 -24.95 8.60 -9.04
N SER B 26 -24.81 9.90 -9.30
CA SER B 26 -24.37 10.43 -10.61
C SER B 26 -22.96 9.97 -11.04
N GLU B 27 -22.70 10.14 -12.32
CA GLU B 27 -21.42 9.76 -12.85
C GLU B 27 -20.36 10.68 -12.28
N ALA B 28 -20.69 11.96 -12.14
CA ALA B 28 -19.79 12.94 -11.51
C ALA B 28 -19.30 12.49 -10.13
N GLN B 29 -20.25 12.11 -9.27
CA GLN B 29 -19.98 11.70 -7.91
C GLN B 29 -19.08 10.47 -7.91
N ALA B 30 -19.42 9.50 -8.77
CA ALA B 30 -18.72 8.24 -8.84
C ALA B 30 -17.29 8.45 -9.28
N ARG B 31 -17.10 9.29 -10.31
CA ARG B 31 -15.73 9.65 -10.76
C ARG B 31 -14.94 10.22 -9.58
N ARG B 32 -15.49 11.25 -8.97
CA ARG B 32 -14.88 11.91 -7.84
C ARG B 32 -14.52 10.90 -6.72
N ALA B 33 -15.42 9.96 -6.45
CA ALA B 33 -15.23 9.02 -5.35
C ALA B 33 -14.14 8.03 -5.66
N VAL B 34 -14.14 7.47 -6.86
CA VAL B 34 -13.10 6.54 -7.22
C VAL B 34 -11.76 7.25 -7.28
N ALA B 35 -11.77 8.55 -7.56
CA ALA B 35 -10.58 9.36 -7.56
C ALA B 35 -10.04 9.55 -6.17
N ASP B 36 -10.94 9.83 -5.24
CA ASP B 36 -10.53 9.98 -3.85
C ASP B 36 -9.98 8.68 -3.27
N ILE B 37 -10.54 7.54 -3.64
CA ILE B 37 -10.09 6.26 -3.13
C ILE B 37 -8.63 6.08 -3.62
N PHE B 38 -8.42 6.43 -4.89
CA PHE B 38 -7.11 6.34 -5.48
C PHE B 38 -6.13 7.21 -4.69
N ASN B 39 -6.45 8.49 -4.49
CA ASN B 39 -5.51 9.44 -3.86
C ASN B 39 -5.33 9.21 -2.34
N SER B 40 -6.37 8.71 -1.70
CA SER B 40 -6.29 8.36 -0.32
C SER B 40 -5.20 7.33 -0.16
N THR B 41 -5.08 6.44 -1.14
CA THR B 41 -4.04 5.41 -1.11
C THR B 41 -2.65 6.05 -0.95
N LEU B 42 -2.42 7.10 -1.69
CA LEU B 42 -1.15 7.79 -1.64
C LEU B 42 -1.03 8.68 -0.41
N ALA B 43 -2.13 9.35 -0.03
CA ALA B 43 -2.19 10.18 1.17
C ALA B 43 -1.87 9.35 2.39
N SER B 44 -2.45 8.16 2.42
CA SER B 44 -2.31 7.21 3.52
C SER B 44 -0.87 6.74 3.64
N SER B 45 -0.23 6.39 2.53
CA SER B 45 1.22 6.04 2.63
C SER B 45 2.06 7.27 3.02
N ALA B 46 1.66 8.43 2.53
CA ALA B 46 2.40 9.64 2.80
C ALA B 46 2.38 10.00 4.28
N ILE B 47 1.25 9.80 4.94
CA ILE B 47 1.12 10.12 6.39
C ILE B 47 2.24 9.47 7.21
N GLY B 48 2.37 8.15 7.12
CA GLY B 48 3.46 7.42 7.80
C GLY B 48 4.85 7.89 7.39
N ALA B 49 5.01 8.26 6.13
CA ALA B 49 6.30 8.66 5.63
C ALA B 49 6.70 10.02 6.15
N ALA B 50 5.76 10.95 6.06
CA ALA B 50 5.95 12.30 6.55
C ALA B 50 6.24 12.33 8.08
N TRP B 51 5.52 11.49 8.84
CA TRP B 51 5.79 11.29 10.25
C TRP B 51 7.27 11.00 10.43
N GLU B 52 7.71 9.94 9.77
CA GLU B 52 9.04 9.36 9.96
C GLU B 52 10.08 10.35 9.49
N LEU B 53 9.76 11.14 8.48
CA LEU B 53 10.72 12.17 8.04
C LEU B 53 10.66 13.49 8.81
N GLY B 54 9.86 13.58 9.88
CA GLY B 54 9.76 14.81 10.69
C GLY B 54 8.88 15.91 10.15
N ALA B 55 8.08 15.62 9.14
CA ALA B 55 7.25 16.64 8.53
C ALA B 55 5.96 16.97 9.32
N LEU B 56 5.33 15.93 9.86
CA LEU B 56 4.10 16.07 10.60
C LEU B 56 4.42 16.84 11.84
N ASP B 57 5.48 16.44 12.52
CA ASP B 57 5.93 17.18 13.70
C ASP B 57 6.04 18.68 13.42
N GLU B 58 6.77 19.04 12.36
CA GLU B 58 7.02 20.43 12.08
C GLU B 58 5.72 21.12 11.76
N LEU B 59 4.86 20.45 11.01
CA LEU B 59 3.54 21.05 10.71
C LEU B 59 2.73 21.24 11.99
N ARG B 60 2.83 20.28 12.91
CA ARG B 60 2.13 20.36 14.21
C ARG B 60 2.68 21.55 15.03
N GLU B 61 4.02 21.63 15.10
CA GLU B 61 4.74 22.71 15.76
C GLU B 61 4.51 24.12 15.17
N ASN B 62 4.63 24.28 13.84
CA ASN B 62 4.63 25.63 13.21
C ASN B 62 3.38 26.03 12.42
N GLY B 63 2.47 25.06 12.18
CA GLY B 63 1.30 25.23 11.29
C GLY B 63 1.60 25.36 9.79
N LYS B 64 2.88 25.52 9.45
CA LYS B 64 3.35 25.95 8.12
C LYS B 64 4.69 25.34 7.83
N LEU B 65 5.08 25.37 6.57
CA LEU B 65 6.39 24.87 6.17
C LEU B 65 6.66 25.25 4.69
N ASP B 66 7.93 25.59 4.42
CA ASP B 66 8.37 25.90 3.05
C ASP B 66 8.94 24.61 2.50
N VAL B 67 8.43 24.13 1.35
CA VAL B 67 8.75 22.75 0.90
C VAL B 67 10.18 22.61 0.44
N SER B 68 10.68 23.66 -0.21
CA SER B 68 12.10 23.70 -0.62
C SER B 68 13.04 23.62 0.57
N ASP B 69 12.74 24.39 1.59
CA ASP B 69 13.60 24.43 2.76
C ASP B 69 13.56 23.11 3.50
N PHE B 70 12.39 22.51 3.55
CA PHE B 70 12.28 21.16 4.10
C PHE B 70 13.16 20.18 3.35
N ALA B 71 13.05 20.18 2.03
CA ALA B 71 13.77 19.20 1.23
C ALA B 71 15.26 19.38 1.42
N VAL B 72 15.71 20.62 1.55
CA VAL B 72 17.13 20.91 1.78
C VAL B 72 17.57 20.47 3.18
N ARG B 73 16.98 21.07 4.21
CA ARG B 73 17.32 20.72 5.60
C ARG B 73 17.49 19.21 5.79
N HIS B 74 16.56 18.44 5.23
CA HIS B 74 16.53 17.00 5.48
C HIS B 74 17.27 16.21 4.41
N ASP B 75 17.84 16.92 3.42
CA ASP B 75 18.61 16.33 2.32
C ASP B 75 17.76 15.33 1.51
N LEU B 76 16.63 15.81 1.05
CA LEU B 76 15.64 14.97 0.36
C LEU B 76 15.51 15.37 -1.10
N HIS B 77 15.16 14.39 -1.94
CA HIS B 77 14.84 14.62 -3.36
C HIS B 77 13.56 15.44 -3.45
N GLU B 78 13.69 16.68 -3.89
CA GLU B 78 12.58 17.64 -3.78
C GLU B 78 11.36 17.28 -4.63
N PRO B 79 11.54 16.70 -5.81
CA PRO B 79 10.31 16.42 -6.58
C PRO B 79 9.36 15.43 -5.93
N ALA B 80 9.92 14.43 -5.27
CA ALA B 80 9.11 13.47 -4.51
C ALA B 80 8.52 14.14 -3.26
N VAL B 81 9.22 15.11 -2.69
CA VAL B 81 8.79 15.79 -1.47
C VAL B 81 7.57 16.60 -1.83
N VAL B 82 7.66 17.33 -2.94
CA VAL B 82 6.46 17.96 -3.52
C VAL B 82 5.34 16.92 -3.64
N GLY B 83 5.71 15.71 -4.04
CA GLY B 83 4.75 14.68 -4.32
C GLY B 83 4.06 14.22 -3.09
N MET B 84 4.84 14.01 -2.05
CA MET B 84 4.32 13.58 -0.77
C MET B 84 3.33 14.60 -0.24
N PHE B 85 3.67 15.87 -0.32
CA PHE B 85 2.76 16.91 0.16
C PHE B 85 1.52 17.02 -0.70
N THR B 86 1.68 16.91 -2.01
CA THR B 86 0.50 17.00 -2.90
C THR B 86 -0.42 15.84 -2.58
N ALA B 87 0.15 14.69 -2.25
CA ALA B 87 -0.65 13.57 -1.91
C ALA B 87 -1.43 13.85 -0.62
N LEU B 88 -0.78 14.42 0.39
CA LEU B 88 -1.53 14.82 1.62
C LEU B 88 -2.56 15.89 1.34
N ALA B 89 -2.24 16.78 0.40
CA ALA B 89 -3.14 17.83 0.01
C ALA B 89 -4.37 17.36 -0.76
N SER B 90 -4.24 16.25 -1.49
CA SER B 90 -5.33 15.77 -2.37
C SER B 90 -6.60 15.38 -1.65
N VAL B 91 -6.47 15.05 -0.38
CA VAL B 91 -7.61 14.70 0.48
C VAL B 91 -7.72 15.59 1.71
N GLY B 92 -6.98 16.69 1.77
CA GLY B 92 -7.22 17.78 2.74
C GLY B 92 -6.54 17.69 4.11
N ILE B 93 -5.37 17.06 4.15
CA ILE B 93 -4.62 16.84 5.39
C ILE B 93 -3.76 18.05 5.50
N VAL B 94 -3.24 18.48 4.34
CA VAL B 94 -2.58 19.77 4.19
C VAL B 94 -3.16 20.56 3.02
N ARG B 95 -2.65 21.78 2.88
CA ARG B 95 -3.07 22.68 1.84
C ARG B 95 -1.80 23.35 1.35
N ARG B 96 -1.68 23.47 0.03
CA ARG B 96 -0.46 24.01 -0.57
C ARG B 96 -0.77 25.41 -1.08
N GLU B 97 0.16 26.32 -0.83
CA GLU B 97 0.12 27.70 -1.31
C GLU B 97 1.55 28.05 -1.71
N GLY B 98 1.78 28.17 -3.02
CA GLY B 98 3.11 28.51 -3.50
C GLY B 98 4.09 27.45 -3.04
N ALA B 99 5.19 27.89 -2.41
CA ALA B 99 6.18 26.96 -1.90
C ALA B 99 5.78 26.53 -0.45
N THR B 100 4.61 26.99 0.00
CA THR B 100 4.20 26.77 1.37
C THR B 100 3.21 25.61 1.50
N VAL B 101 3.40 24.81 2.55
CA VAL B 101 2.41 23.85 2.98
C VAL B 101 1.90 24.32 4.34
N VAL B 102 0.58 24.38 4.46
CA VAL B 102 -0.11 24.67 5.73
C VAL B 102 -0.95 23.44 6.14
N VAL B 103 -1.31 23.40 7.42
CA VAL B 103 -2.13 22.32 7.93
C VAL B 103 -3.53 22.45 7.35
N GLY B 104 -4.13 21.31 7.03
CA GLY B 104 -5.44 21.27 6.40
C GLY B 104 -6.49 20.93 7.43
N PRO B 105 -7.76 20.91 7.02
CA PRO B 105 -8.84 20.69 7.98
C PRO B 105 -8.71 19.34 8.66
N TYR B 106 -8.28 18.33 7.91
CA TYR B 106 -8.07 16.98 8.44
C TYR B 106 -6.73 16.71 9.11
N PHE B 107 -5.87 17.72 9.15
CA PHE B 107 -4.53 17.54 9.75
C PHE B 107 -4.53 16.92 11.14
N ASP B 108 -5.24 17.48 12.13
CA ASP B 108 -5.01 17.01 13.53
C ASP B 108 -5.42 15.54 13.66
N GLU B 109 -6.54 15.21 13.02
CA GLU B 109 -7.09 13.87 13.10
C GLU B 109 -6.08 12.87 12.49
N ALA B 110 -5.55 13.22 11.33
CA ALA B 110 -4.65 12.31 10.62
C ALA B 110 -3.35 12.19 11.38
N ASN B 111 -2.87 13.32 11.86
CA ASN B 111 -1.64 13.33 12.61
C ASN B 111 -1.78 12.55 13.89
N HIS B 112 -2.93 12.71 14.56
CA HIS B 112 -3.24 11.91 15.74
C HIS B 112 -3.08 10.43 15.51
N HIS B 113 -3.62 9.95 14.38
CA HIS B 113 -3.68 8.53 14.07
C HIS B 113 -2.51 8.08 13.18
N ARG B 114 -1.49 8.91 13.11
CA ARG B 114 -0.39 8.69 12.22
C ARG B 114 0.30 7.37 12.47
N SER B 115 0.42 6.93 13.72
CA SER B 115 1.03 5.59 13.93
C SER B 115 0.21 4.45 13.29
N LEU B 116 -1.10 4.64 13.17
CA LEU B 116 -1.98 3.63 12.60
C LEU B 116 -1.82 3.48 11.09
N PHE B 117 -1.67 4.60 10.37
CA PHE B 117 -1.43 4.54 8.91
C PHE B 117 -0.07 3.91 8.62
N HIS B 118 0.93 4.29 9.45
CA HIS B 118 2.26 3.76 9.35
C HIS B 118 2.23 2.25 9.51
N TRP B 119 1.53 1.82 10.56
CA TRP B 119 1.30 0.42 10.79
C TRP B 119 0.74 -0.21 9.51
N LEU B 120 -0.28 0.42 8.95
CA LEU B 120 -0.95 -0.11 7.76
C LEU B 120 -0.03 -0.21 6.51
N ASN B 121 0.74 0.85 6.28
CA ASN B 121 1.52 0.99 5.05
C ASN B 121 2.94 0.51 5.25
N GLN B 122 3.75 1.31 5.90
CA GLN B 122 5.13 0.93 6.13
C GLN B 122 5.26 -0.41 6.86
N GLY B 123 4.39 -0.64 7.84
CA GLY B 123 4.49 -1.81 8.67
C GLY B 123 4.00 -3.03 7.92
N SER B 124 2.72 -2.98 7.55
CA SER B 124 1.99 -4.13 7.01
C SER B 124 1.70 -4.03 5.52
N GLY B 125 2.33 -3.07 4.85
CA GLY B 125 2.00 -2.79 3.47
C GLY B 125 2.12 -3.99 2.56
N GLU B 126 3.19 -4.77 2.75
CA GLU B 126 3.55 -5.90 1.87
C GLU B 126 2.49 -6.97 1.92
N LEU B 127 1.98 -7.23 3.12
CA LEU B 127 0.96 -8.25 3.34
C LEU B 127 -0.23 -7.89 2.49
N PHE B 128 -0.73 -6.67 2.65
CA PHE B 128 -1.95 -6.26 1.94
C PHE B 128 -1.70 -6.12 0.42
N ARG B 129 -0.49 -5.73 0.03
CA ARG B 129 -0.18 -5.66 -1.38
C ARG B 129 -0.40 -7.03 -2.04
N ARG B 130 0.03 -8.10 -1.39
CA ARG B 130 0.04 -9.41 -1.99
C ARG B 130 -1.23 -10.17 -1.62
N MET B 131 -2.28 -9.44 -1.33
CA MET B 131 -3.61 -10.02 -1.18
C MET B 131 -3.98 -11.08 -2.26
N PRO B 132 -3.69 -10.84 -3.54
CA PRO B 132 -4.01 -11.92 -4.49
C PRO B 132 -3.22 -13.23 -4.28
N GLN B 133 -2.04 -13.15 -3.68
CA GLN B 133 -1.23 -14.35 -3.43
C GLN B 133 -1.50 -14.96 -2.04
N VAL B 134 -2.04 -14.17 -1.12
CA VAL B 134 -2.16 -14.57 0.29
C VAL B 134 -3.47 -15.32 0.57
N LEU B 135 -4.51 -14.91 -0.13
CA LEU B 135 -5.82 -15.51 -0.02
C LEU B 135 -5.91 -16.97 -0.46
N PRO B 136 -5.26 -17.34 -1.59
CA PRO B 136 -5.39 -18.74 -2.04
C PRO B 136 -4.80 -19.79 -1.08
N ASN B 137 -5.61 -20.80 -0.73
CA ASN B 137 -5.21 -21.83 0.25
C ASN B 137 -3.90 -22.51 -0.10
N GLU B 138 -3.78 -23.08 -1.28
CA GLU B 138 -2.54 -23.77 -1.66
C GLU B 138 -1.30 -23.00 -1.17
N ASN B 139 -1.36 -21.66 -1.22
CA ASN B 139 -0.20 -20.82 -0.84
C ASN B 139 0.03 -20.61 0.67
N ARG B 140 -0.79 -21.19 1.53
CA ARG B 140 -0.77 -20.84 2.96
C ARG B 140 0.08 -21.73 3.89
N THR B 141 1.40 -21.69 3.70
CA THR B 141 2.32 -22.33 4.65
C THR B 141 3.74 -21.78 4.53
N GLY B 142 4.54 -22.04 5.56
CA GLY B 142 5.85 -21.45 5.65
C GLY B 142 5.69 -19.95 5.78
N LYS B 143 6.51 -19.23 5.04
CA LYS B 143 6.55 -17.80 5.12
C LYS B 143 5.69 -17.21 3.98
N PHE B 144 4.37 -17.42 4.09
CA PHE B 144 3.43 -16.99 3.03
C PHE B 144 3.06 -15.51 3.02
N TYR B 145 3.59 -14.74 3.96
CA TYR B 145 3.51 -13.28 3.89
C TYR B 145 4.75 -12.68 4.52
N GLN B 146 4.95 -11.38 4.33
CA GLN B 146 6.00 -10.69 5.06
C GLN B 146 5.53 -9.29 5.45
N ARG B 147 6.06 -8.79 6.57
CA ARG B 147 5.89 -7.40 6.97
C ARG B 147 7.22 -6.91 7.50
N ASP B 148 7.34 -5.62 7.69
CA ASP B 148 8.62 -4.96 7.96
C ASP B 148 8.70 -4.77 9.47
N ALA B 149 9.36 -5.71 10.14
CA ALA B 149 9.35 -5.78 11.61
C ALA B 149 9.94 -4.54 12.26
N GLY B 150 10.91 -3.91 11.59
CA GLY B 150 11.46 -2.66 12.08
C GLY B 150 10.44 -1.54 12.00
N ALA B 151 9.66 -1.56 10.92
CA ALA B 151 8.62 -0.58 10.70
C ALA B 151 7.49 -0.74 11.68
N ILE B 152 7.06 -1.98 11.91
CA ILE B 152 5.99 -2.30 12.87
C ILE B 152 6.36 -1.76 14.24
N SER B 153 7.47 -2.27 14.74
CA SER B 153 8.12 -1.80 15.95
C SER B 153 8.12 -0.27 16.13
N TYR B 154 8.61 0.42 15.12
CA TYR B 154 8.63 1.89 15.11
C TYR B 154 7.24 2.46 15.36
N ALA B 155 6.21 1.79 14.84
CA ALA B 155 4.84 2.27 14.96
C ALA B 155 4.19 1.81 16.28
N CYS B 156 4.37 0.53 16.64
CA CYS B 156 3.71 -0.02 17.85
C CYS B 156 4.18 0.72 19.11
N ARG B 157 5.42 1.18 19.12
CA ARG B 157 5.89 2.11 20.14
C ARG B 157 4.97 3.33 20.31
N GLU B 158 4.69 4.10 19.27
CA GLU B 158 3.76 5.26 19.45
C GLU B 158 2.35 4.80 19.74
N ILE B 159 1.95 3.63 19.24
CA ILE B 159 0.60 3.15 19.45
C ILE B 159 0.39 2.92 20.96
N SER B 160 1.37 2.26 21.55
CA SER B 160 1.36 1.88 22.95
C SER B 160 1.26 3.11 23.86
N GLU B 161 1.93 4.19 23.45
CA GLU B 161 1.99 5.43 24.19
C GLU B 161 0.72 6.23 23.96
N ARG B 162 0.41 6.54 22.71
CA ARG B 162 -0.70 7.39 22.40
C ARG B 162 -2.04 6.78 22.86
N TYR B 163 -2.18 5.46 22.80
CA TYR B 163 -3.50 4.83 23.00
C TYR B 163 -3.66 4.05 24.30
N PHE B 164 -2.60 3.33 24.70
CA PHE B 164 -2.67 2.47 25.89
C PHE B 164 -2.21 3.08 27.20
N ASP B 165 -1.30 4.06 27.14
CA ASP B 165 -0.77 4.70 28.37
C ASP B 165 -1.80 5.16 29.40
N PRO B 166 -2.79 6.03 29.01
CA PRO B 166 -3.77 6.52 29.97
C PRO B 166 -4.46 5.43 30.78
N ALA B 167 -5.01 4.45 30.08
CA ALA B 167 -5.63 3.33 30.75
C ALA B 167 -4.56 2.52 31.48
N PHE B 168 -3.36 2.41 30.89
CA PHE B 168 -2.25 1.73 31.58
C PHE B 168 -1.89 2.42 32.86
N TRP B 169 -1.74 3.73 32.82
CA TRP B 169 -1.39 4.48 34.02
C TRP B 169 -2.52 4.52 35.03
N ALA B 170 -3.75 4.67 34.54
CA ALA B 170 -4.94 4.61 35.40
C ALA B 170 -4.99 3.29 36.14
N ALA B 171 -4.76 2.17 35.46
CA ALA B 171 -4.79 0.89 36.14
C ALA B 171 -3.68 0.82 37.19
N VAL B 172 -2.50 1.35 36.84
CA VAL B 172 -1.36 1.39 37.77
C VAL B 172 -1.66 2.18 39.05
N ASP B 173 -2.29 3.36 38.90
CA ASP B 173 -2.85 4.12 40.04
C ASP B 173 -3.72 3.28 40.96
N GLY B 174 -4.66 2.52 40.41
CA GLY B 174 -5.64 1.81 41.21
C GLY B 174 -5.19 0.44 41.67
N LEU B 175 -3.88 0.21 41.82
CA LEU B 175 -3.33 -1.11 42.22
C LEU B 175 -3.64 -1.50 43.67
N GLY B 176 -3.52 -0.53 44.58
CA GLY B 176 -3.65 -0.78 46.02
C GLY B 176 -2.33 -1.14 46.67
N TYR B 177 -1.25 -1.17 45.89
CA TYR B 177 0.08 -1.48 46.42
C TYR B 177 1.21 -0.95 45.60
N THR B 178 2.32 -0.68 46.26
CA THR B 178 3.56 -0.39 45.56
C THR B 178 4.16 -1.72 45.12
N PRO B 179 4.42 -1.87 43.80
CA PRO B 179 5.07 -3.11 43.36
C PRO B 179 6.58 -3.07 43.60
N THR B 180 7.19 -4.25 43.60
CA THR B 180 8.63 -4.37 43.86
C THR B 180 9.38 -4.98 42.66
N THR B 181 8.75 -5.95 42.01
CA THR B 181 9.34 -6.58 40.84
C THR B 181 8.25 -6.74 39.80
N VAL B 182 8.43 -6.06 38.66
CA VAL B 182 7.46 -6.18 37.55
C VAL B 182 8.01 -6.96 36.35
N ALA B 183 7.20 -7.89 35.88
CA ALA B 183 7.45 -8.60 34.65
C ALA B 183 6.51 -8.05 33.56
N ASP B 184 7.08 -7.64 32.43
CA ASP B 184 6.33 -7.16 31.26
C ASP B 184 6.47 -8.18 30.11
N LEU B 185 5.35 -8.79 29.67
CA LEU B 185 5.33 -9.73 28.53
C LEU B 185 5.16 -9.01 27.17
N GLY B 186 6.01 -9.33 26.19
CA GLY B 186 6.07 -8.56 24.96
C GLY B 186 6.70 -7.23 25.31
N SER B 187 7.80 -7.32 26.03
CA SER B 187 8.52 -6.16 26.60
C SER B 187 9.03 -5.17 25.56
N GLY B 188 9.47 -5.70 24.41
CA GLY B 188 9.75 -4.89 23.21
C GLY B 188 10.89 -3.89 23.33
N SER B 189 10.55 -2.61 23.25
CA SER B 189 11.50 -1.52 23.47
C SER B 189 12.01 -1.51 24.91
N GLY B 190 11.14 -1.91 25.85
CA GLY B 190 11.41 -1.79 27.29
C GLY B 190 10.88 -0.49 27.88
N GLU B 191 10.31 0.35 27.01
CA GLU B 191 9.72 1.64 27.40
C GLU B 191 8.59 1.51 28.46
N ARG B 192 7.93 0.35 28.54
CA ARG B 192 6.93 0.14 29.60
C ARG B 192 7.68 0.03 30.90
N LEU B 193 8.65 -0.87 30.94
CA LEU B 193 9.43 -1.13 32.16
C LEU B 193 10.25 0.09 32.57
N ILE B 194 10.78 0.82 31.60
CA ILE B 194 11.56 2.00 31.93
C ILE B 194 10.70 2.99 32.68
N GLN B 195 9.48 3.19 32.19
CA GLN B 195 8.52 4.11 32.82
C GLN B 195 8.11 3.66 34.21
N ILE B 196 8.05 2.34 34.41
CA ILE B 196 7.70 1.80 35.71
C ILE B 196 8.77 2.23 36.70
N ALA B 197 10.04 2.01 36.34
CA ALA B 197 11.19 2.38 37.18
C ALA B 197 11.13 3.84 37.57
N ARG B 198 10.74 4.69 36.61
CA ARG B 198 10.62 6.12 36.84
C ARG B 198 9.48 6.51 37.77
N ARG B 199 8.42 5.71 37.78
CA ARG B 199 7.30 5.95 38.68
C ARG B 199 7.66 5.47 40.08
N PHE B 200 8.18 4.24 40.16
CA PHE B 200 8.43 3.54 41.43
C PHE B 200 9.93 3.36 41.67
N PRO B 201 10.57 4.39 42.28
CA PRO B 201 12.04 4.54 42.29
C PRO B 201 12.78 3.22 42.32
N GLY B 202 12.60 2.45 43.40
CA GLY B 202 13.48 1.31 43.68
C GLY B 202 13.12 -0.02 43.02
N VAL B 203 12.06 -0.02 42.21
CA VAL B 203 11.51 -1.26 41.66
C VAL B 203 12.48 -1.94 40.67
N ARG B 204 12.46 -3.27 40.66
CA ARG B 204 13.21 -4.04 39.68
C ARG B 204 12.27 -4.42 38.51
N GLY B 205 12.85 -4.61 37.32
CA GLY B 205 12.07 -5.00 36.14
C GLY B 205 12.51 -6.30 35.48
N LEU B 206 11.62 -6.89 34.70
CA LEU B 206 11.90 -8.12 33.98
C LEU B 206 11.05 -8.29 32.71
N GLY B 207 11.58 -7.94 31.54
CA GLY B 207 10.85 -8.14 30.28
C GLY B 207 11.02 -9.51 29.66
N VAL B 208 10.00 -9.98 28.96
CA VAL B 208 10.05 -11.23 28.19
C VAL B 208 9.64 -10.93 26.75
N ASP B 209 10.45 -11.41 25.80
CA ASP B 209 10.26 -11.13 24.36
C ASP B 209 10.73 -12.32 23.50
N ILE B 210 9.94 -12.67 22.47
CA ILE B 210 10.35 -13.68 21.50
C ILE B 210 11.47 -13.13 20.61
N ALA B 211 11.46 -11.82 20.37
CA ALA B 211 12.41 -11.16 19.44
C ALA B 211 13.82 -11.01 20.03
N ASP B 212 14.79 -11.59 19.30
CA ASP B 212 16.21 -11.46 19.61
C ASP B 212 16.59 -9.97 19.62
N GLY B 213 16.20 -9.28 18.55
CA GLY B 213 16.53 -7.88 18.36
C GLY B 213 15.90 -6.94 19.38
N ALA B 214 14.72 -7.31 19.89
CA ALA B 214 14.02 -6.48 20.86
C ALA B 214 14.76 -6.53 22.20
N ILE B 215 15.37 -7.68 22.50
CA ILE B 215 16.13 -7.85 23.73
C ILE B 215 17.33 -6.91 23.78
N ALA B 216 18.12 -6.85 22.70
CA ALA B 216 19.32 -6.02 22.66
C ALA B 216 18.97 -4.52 22.58
N MET B 217 17.93 -4.21 21.80
CA MET B 217 17.37 -2.86 21.69
C MET B 217 16.94 -2.42 23.07
N ALA B 218 16.29 -3.34 23.80
CA ALA B 218 15.84 -3.10 25.18
C ALA B 218 16.97 -3.00 26.20
N GLU B 219 17.91 -3.95 26.16
CA GLU B 219 19.12 -3.92 27.00
C GLU B 219 19.86 -2.60 26.77
N LYS B 220 19.99 -2.20 25.51
CA LYS B 220 20.56 -0.89 25.21
C LYS B 220 19.70 0.26 25.76
N GLU B 221 18.40 0.18 25.52
CA GLU B 221 17.48 1.23 25.94
C GLU B 221 17.62 1.46 27.43
N VAL B 222 17.50 0.38 28.20
CA VAL B 222 17.58 0.42 29.66
C VAL B 222 18.86 1.06 30.15
N ALA B 223 19.99 0.49 29.70
CA ALA B 223 21.33 0.98 30.09
C ALA B 223 21.43 2.49 29.96
N ALA B 224 20.88 3.02 28.87
CA ALA B 224 20.98 4.44 28.50
C ALA B 224 20.17 5.39 29.38
N LYS B 225 19.19 4.87 30.10
CA LYS B 225 18.24 5.73 30.79
C LYS B 225 18.38 5.72 32.30
N GLY B 226 19.38 4.99 32.79
CA GLY B 226 19.80 5.04 34.20
C GLY B 226 19.62 3.73 34.96
N PHE B 227 18.88 2.80 34.38
CA PHE B 227 18.31 1.67 35.13
C PHE B 227 18.97 0.32 34.79
N GLY B 228 20.30 0.34 34.62
CA GLY B 228 21.11 -0.85 34.28
C GLY B 228 20.96 -2.07 35.18
N ASP B 229 21.08 -1.87 36.49
CA ASP B 229 20.95 -2.99 37.47
C ASP B 229 19.53 -3.20 38.01
N GLN B 230 18.63 -2.25 37.71
CA GLN B 230 17.21 -2.45 38.03
C GLN B 230 16.51 -3.44 37.06
N ILE B 231 16.89 -3.46 35.77
CA ILE B 231 16.04 -4.14 34.75
C ILE B 231 16.78 -5.07 33.79
N SER B 232 16.26 -6.30 33.65
CA SER B 232 16.86 -7.31 32.75
C SER B 232 15.82 -8.03 31.88
N PHE B 233 16.28 -8.76 30.87
CA PHE B 233 15.36 -9.40 29.92
C PHE B 233 15.66 -10.88 29.71
N VAL B 234 14.70 -11.57 29.09
CA VAL B 234 14.81 -13.01 28.86
C VAL B 234 14.04 -13.43 27.62
N ARG B 235 14.63 -14.35 26.86
CA ARG B 235 13.98 -14.93 25.69
C ARG B 235 12.92 -15.93 26.15
N GLY B 236 11.73 -15.84 25.56
CA GLY B 236 10.60 -16.63 26.06
C GLY B 236 9.26 -16.25 25.46
N ASP B 237 8.30 -17.14 25.69
CA ASP B 237 7.02 -17.11 25.00
C ASP B 237 5.92 -17.48 26.00
N ALA B 238 5.01 -16.56 26.23
CA ALA B 238 3.97 -16.76 27.23
C ALA B 238 3.35 -18.16 27.21
N ARG B 239 3.07 -18.67 26.02
CA ARG B 239 2.44 -20.01 25.83
C ARG B 239 3.27 -21.19 26.40
N THR B 240 4.60 -20.97 26.54
CA THR B 240 5.53 -21.91 27.20
C THR B 240 6.49 -21.14 28.13
N ILE B 241 5.91 -20.34 29.02
CA ILE B 241 6.68 -19.57 29.99
C ILE B 241 7.23 -20.45 31.10
N ASP B 242 6.69 -21.66 31.27
CA ASP B 242 7.24 -22.61 32.25
C ASP B 242 8.58 -23.26 31.82
N GLN B 243 8.83 -23.30 30.51
CA GLN B 243 10.08 -23.83 29.96
C GLN B 243 11.28 -22.88 30.25
N VAL B 244 10.97 -21.60 30.41
CA VAL B 244 11.98 -20.53 30.55
C VAL B 244 12.87 -20.66 31.78
N SER B 245 14.18 -20.60 31.57
CA SER B 245 15.16 -20.91 32.63
C SER B 245 15.14 -19.95 33.84
N ALA B 246 14.66 -18.72 33.64
CA ALA B 246 14.57 -17.69 34.71
C ALA B 246 13.37 -17.82 35.66
N ARG B 247 12.49 -18.78 35.34
CA ARG B 247 11.46 -19.40 36.23
C ARG B 247 11.58 -19.19 37.75
N GLY B 248 12.77 -19.44 38.28
CA GLY B 248 13.05 -19.32 39.71
C GLY B 248 12.90 -17.91 40.24
N GLU B 249 13.21 -16.92 39.40
CA GLU B 249 13.15 -15.51 39.78
C GLU B 249 11.74 -14.91 39.62
N PHE B 250 10.84 -15.64 38.95
CA PHE B 250 9.45 -15.22 38.81
C PHE B 250 8.72 -15.21 40.14
N ALA B 251 9.26 -15.96 41.11
CA ALA B 251 8.69 -16.05 42.43
C ALA B 251 8.58 -14.69 43.13
N GLU B 252 9.45 -13.74 42.79
CA GLU B 252 9.42 -12.46 43.48
C GLU B 252 8.60 -11.37 42.76
N VAL B 253 8.09 -11.70 41.58
CA VAL B 253 7.30 -10.77 40.78
C VAL B 253 5.89 -10.60 41.39
N ASP B 254 5.50 -9.35 41.62
CA ASP B 254 4.18 -9.03 42.16
C ASP B 254 3.30 -8.12 41.26
N LEU B 255 3.82 -7.73 40.08
CA LEU B 255 3.03 -7.06 39.04
C LEU B 255 3.41 -7.58 37.66
N LEU B 256 2.43 -8.12 36.94
CA LEU B 256 2.61 -8.58 35.57
C LEU B 256 1.85 -7.65 34.60
N THR B 257 2.41 -7.44 33.41
CA THR B 257 1.81 -6.61 32.38
C THR B 257 2.02 -7.23 30.99
N CYS B 258 1.04 -7.01 30.11
CA CYS B 258 1.05 -7.62 28.79
C CYS B 258 0.18 -6.85 27.81
N PHE B 259 0.80 -6.22 26.82
CA PHE B 259 0.11 -5.26 25.98
C PHE B 259 0.27 -5.53 24.50
N MET B 260 -0.87 -5.55 23.82
CA MET B 260 -0.93 -5.61 22.37
C MET B 260 -0.49 -6.95 21.78
N MET B 261 -0.47 -8.02 22.57
CA MET B 261 -0.11 -9.32 22.06
C MET B 261 -1.03 -10.44 22.55
N GLY B 262 -2.04 -10.09 23.35
CA GLY B 262 -2.87 -11.08 23.99
C GLY B 262 -3.58 -11.99 23.02
N HIS B 263 -3.86 -11.50 21.82
CA HIS B 263 -4.62 -12.29 20.82
C HIS B 263 -3.78 -13.41 20.19
N ASP B 264 -2.46 -13.26 20.27
CA ASP B 264 -1.50 -14.25 19.80
C ASP B 264 -1.40 -15.41 20.80
N PHE B 265 -2.00 -15.26 21.99
CA PHE B 265 -2.16 -16.38 22.93
C PHE B 265 -3.25 -17.28 22.45
N TRP B 266 -4.11 -16.75 21.63
CA TRP B 266 -5.26 -17.51 21.19
C TRP B 266 -4.79 -18.48 20.16
N PRO B 267 -5.61 -19.46 19.80
CA PRO B 267 -7.02 -19.74 20.16
C PRO B 267 -7.34 -20.03 21.64
N ARG B 268 -8.62 -20.12 21.96
CA ARG B 268 -9.11 -20.17 23.34
C ARG B 268 -8.36 -21.09 24.29
N GLU B 269 -8.19 -22.34 23.88
CA GLU B 269 -7.56 -23.33 24.75
C GLU B 269 -6.11 -23.00 24.96
N ASN B 270 -5.43 -22.50 23.95
CA ASN B 270 -4.07 -22.00 24.14
C ASN B 270 -4.09 -20.95 25.23
N CYS B 271 -5.10 -20.08 25.12
CA CYS B 271 -5.18 -18.93 25.99
C CYS B 271 -5.42 -19.36 27.43
N VAL B 272 -6.39 -20.27 27.62
CA VAL B 272 -6.69 -20.84 28.95
C VAL B 272 -5.40 -21.35 29.59
N GLN B 273 -4.72 -22.23 28.84
CA GLN B 273 -3.44 -22.80 29.26
C GLN B 273 -2.40 -21.73 29.52
N THR B 274 -2.32 -20.78 28.62
CA THR B 274 -1.32 -19.72 28.74
C THR B 274 -1.56 -18.90 30.02
N LEU B 275 -2.83 -18.59 30.29
CA LEU B 275 -3.21 -17.90 31.53
C LEU B 275 -2.94 -18.73 32.82
N ARG B 276 -3.24 -20.02 32.77
CA ARG B 276 -2.96 -20.92 33.91
C ARG B 276 -1.47 -21.03 34.22
N LYS B 277 -0.67 -21.16 33.16
CA LYS B 277 0.77 -21.24 33.30
C LYS B 277 1.27 -19.95 33.88
N LEU B 278 0.81 -18.85 33.32
CA LEU B 278 1.16 -17.54 33.86
C LEU B 278 0.85 -17.45 35.35
N ARG B 279 -0.33 -17.94 35.74
CA ARG B 279 -0.72 -17.91 37.16
C ARG B 279 0.29 -18.65 38.06
N ALA B 280 0.60 -19.89 37.68
CA ALA B 280 1.49 -20.74 38.46
C ALA B 280 2.89 -20.18 38.44
N ALA B 281 3.36 -19.76 37.26
CA ALA B 281 4.73 -19.23 37.09
C ALA B 281 4.98 -17.93 37.83
N PHE B 282 3.92 -17.17 38.08
CA PHE B 282 3.96 -15.87 38.82
C PHE B 282 2.96 -15.90 40.00
N PRO B 283 3.20 -16.78 40.97
CA PRO B 283 2.18 -17.03 42.00
C PRO B 283 2.11 -15.95 43.07
N ASN B 284 3.09 -15.06 43.12
CA ASN B 284 2.98 -13.88 43.96
C ASN B 284 2.51 -12.60 43.29
N VAL B 285 2.17 -12.70 42.00
CA VAL B 285 1.57 -11.57 41.31
C VAL B 285 0.22 -11.28 41.90
N ARG B 286 0.02 -10.01 42.24
CA ARG B 286 -1.24 -9.56 42.76
C ARG B 286 -2.07 -9.11 41.57
N ARG B 287 -1.62 -8.06 40.90
CA ARG B 287 -2.30 -7.57 39.71
C ARG B 287 -1.53 -7.89 38.44
N PHE B 288 -2.30 -8.29 37.43
CA PHE B 288 -1.83 -8.56 36.07
C PHE B 288 -2.58 -7.63 35.11
N LEU B 289 -1.88 -6.72 34.46
CA LEU B 289 -2.55 -5.75 33.61
C LEU B 289 -2.44 -6.18 32.17
N LEU B 290 -3.57 -6.50 31.55
CA LEU B 290 -3.62 -7.03 30.21
C LEU B 290 -4.42 -6.12 29.29
N GLY B 291 -3.82 -5.73 28.17
CA GLY B 291 -4.42 -4.77 27.23
C GLY B 291 -4.17 -5.12 25.79
N ASP B 292 -5.18 -4.85 24.95
CA ASP B 292 -5.19 -5.31 23.54
C ASP B 292 -6.40 -4.77 22.79
N ALA B 293 -6.28 -4.80 21.47
CA ALA B 293 -7.37 -4.52 20.59
C ALA B 293 -8.08 -5.85 20.38
N THR B 294 -9.39 -5.77 20.13
CA THR B 294 -10.23 -6.94 19.99
C THR B 294 -11.02 -6.87 18.70
N ARG B 295 -11.61 -8.00 18.29
CA ARG B 295 -12.38 -8.02 17.08
C ARG B 295 -13.74 -7.37 17.37
N THR B 296 -14.20 -6.53 16.45
CA THR B 296 -15.50 -5.88 16.57
C THR B 296 -16.57 -6.79 15.94
N VAL B 297 -17.83 -6.47 16.19
CA VAL B 297 -18.96 -7.22 15.68
C VAL B 297 -20.09 -6.27 15.33
N GLY B 298 -20.59 -6.43 14.11
CA GLY B 298 -21.78 -5.69 13.70
C GLY B 298 -21.59 -4.23 13.38
N ILE B 299 -20.35 -3.74 13.27
CA ILE B 299 -20.15 -2.39 12.84
C ILE B 299 -20.47 -2.29 11.34
N PRO B 300 -21.35 -1.37 10.94
CA PRO B 300 -21.68 -1.27 9.52
C PRO B 300 -20.50 -0.87 8.57
N ASP B 301 -20.31 -1.68 7.53
CA ASP B 301 -19.37 -1.39 6.47
C ASP B 301 -19.03 0.10 6.25
N ARG B 302 -20.03 0.95 6.15
CA ARG B 302 -19.82 2.37 5.80
C ARG B 302 -19.69 3.29 7.00
N GLU B 303 -19.55 2.71 8.19
CA GLU B 303 -19.32 3.48 9.41
C GLU B 303 -18.11 2.94 10.19
N LEU B 304 -17.20 2.24 9.52
CA LEU B 304 -15.99 1.74 10.18
C LEU B 304 -15.06 2.90 10.52
N PRO B 305 -14.57 2.97 11.77
CA PRO B 305 -13.62 3.99 12.10
C PRO B 305 -12.19 3.58 11.70
N VAL B 306 -11.24 4.47 11.90
CA VAL B 306 -9.87 4.20 11.63
C VAL B 306 -9.40 2.90 12.31
N PHE B 307 -8.49 2.21 11.62
CA PHE B 307 -7.82 1.00 12.14
C PHE B 307 -8.57 -0.35 12.11
N THR B 308 -9.76 -0.35 12.68
CA THR B 308 -10.59 -1.54 12.82
C THR B 308 -10.45 -2.51 11.64
N LEU B 309 -10.74 -2.00 10.46
CA LEU B 309 -10.72 -2.83 9.26
C LEU B 309 -9.36 -3.38 8.97
N GLY B 310 -8.31 -2.59 9.12
CA GLY B 310 -6.95 -3.10 8.86
C GLY B 310 -6.45 -4.11 9.87
N PHE B 311 -6.75 -3.87 11.13
CA PHE B 311 -6.41 -4.83 12.22
C PHE B 311 -7.09 -6.18 12.02
N GLU B 312 -8.41 -6.16 11.87
CA GLU B 312 -9.16 -7.37 11.62
C GLU B 312 -8.79 -8.04 10.29
N PHE B 313 -8.72 -7.28 9.22
CA PHE B 313 -8.46 -7.84 7.88
C PHE B 313 -7.06 -8.45 7.79
N GLY B 314 -6.08 -7.72 8.28
CA GLY B 314 -4.72 -8.20 8.28
C GLY B 314 -4.53 -9.45 9.09
N HIS B 315 -5.24 -9.56 10.22
CA HIS B 315 -5.15 -10.77 11.03
C HIS B 315 -5.83 -11.93 10.33
N ASP B 316 -7.03 -11.72 9.78
CA ASP B 316 -7.58 -12.71 8.85
C ASP B 316 -6.56 -13.17 7.76
N MET B 317 -5.91 -12.19 7.13
CA MET B 317 -4.96 -12.55 6.08
C MET B 317 -3.78 -13.29 6.71
N MET B 318 -3.40 -12.96 7.92
CA MET B 318 -2.30 -13.75 8.52
C MET B 318 -2.72 -15.12 9.09
N GLY B 319 -4.01 -15.46 9.02
CA GLY B 319 -4.52 -16.70 9.62
C GLY B 319 -4.62 -16.65 11.13
N VAL B 320 -4.58 -15.44 11.70
CA VAL B 320 -4.53 -15.25 13.15
C VAL B 320 -5.89 -14.85 13.69
N TYR B 321 -6.31 -15.61 14.71
CA TYR B 321 -7.61 -15.45 15.34
C TYR B 321 -7.59 -14.24 16.24
N LEU B 322 -8.68 -13.50 16.21
CA LEU B 322 -8.85 -12.33 17.07
C LEU B 322 -10.10 -12.50 17.89
N PRO B 323 -9.96 -12.63 19.21
CA PRO B 323 -11.11 -12.76 20.07
C PRO B 323 -11.84 -11.45 20.28
N THR B 324 -13.15 -11.56 20.49
CA THR B 324 -13.97 -10.40 20.80
C THR B 324 -13.76 -10.12 22.28
N LEU B 325 -14.25 -8.95 22.71
CA LEU B 325 -14.24 -8.59 24.10
C LEU B 325 -14.95 -9.65 24.93
N ASP B 326 -16.16 -10.03 24.54
CA ASP B 326 -16.88 -11.11 25.23
C ASP B 326 -16.07 -12.39 25.39
N GLU B 327 -15.27 -12.74 24.39
CA GLU B 327 -14.51 -13.98 24.45
C GLU B 327 -13.42 -13.85 25.50
N TRP B 328 -12.81 -12.67 25.60
CA TRP B 328 -11.86 -12.40 26.68
C TRP B 328 -12.60 -12.52 28.03
N ASP B 329 -13.73 -11.81 28.16
CA ASP B 329 -14.56 -11.87 29.35
C ASP B 329 -14.75 -13.34 29.71
N GLY B 330 -15.14 -14.15 28.72
CA GLY B 330 -15.49 -15.55 28.96
C GLY B 330 -14.35 -16.52 29.27
N VAL B 331 -13.10 -16.06 29.30
CA VAL B 331 -11.98 -16.96 29.41
C VAL B 331 -11.14 -16.81 30.67
N PHE B 332 -11.37 -15.78 31.47
CA PHE B 332 -10.46 -15.50 32.58
C PHE B 332 -10.62 -16.43 33.80
N GLU B 333 -11.86 -16.73 34.15
CA GLU B 333 -12.12 -17.58 35.30
C GLU B 333 -11.41 -18.91 35.01
N GLU B 334 -11.69 -19.47 33.84
CA GLU B 334 -11.04 -20.70 33.38
C GLU B 334 -9.51 -20.60 33.38
N GLY B 335 -8.99 -19.41 33.08
CA GLY B 335 -7.58 -19.24 33.01
C GLY B 335 -6.98 -19.17 34.39
N GLY B 336 -7.84 -18.98 35.40
CA GLY B 336 -7.40 -18.90 36.78
C GLY B 336 -7.27 -17.46 37.28
N TRP B 337 -8.01 -16.56 36.67
CA TRP B 337 -7.87 -15.15 37.01
C TRP B 337 -9.24 -14.54 37.26
N ARG B 338 -9.26 -13.54 38.12
CA ARG B 338 -10.49 -12.80 38.35
C ARG B 338 -10.30 -11.46 37.67
N CYS B 339 -11.30 -10.99 36.95
CA CYS B 339 -11.27 -9.63 36.40
C CYS B 339 -11.96 -8.65 37.32
N VAL B 340 -11.25 -7.65 37.82
CA VAL B 340 -11.83 -6.70 38.75
C VAL B 340 -12.03 -5.29 38.22
N LYS B 341 -11.50 -5.01 37.03
CA LYS B 341 -11.67 -3.69 36.45
C LYS B 341 -11.35 -3.75 34.99
N LYS B 342 -12.04 -2.95 34.19
CA LYS B 342 -11.83 -2.93 32.77
C LYS B 342 -11.88 -1.49 32.23
N HIS B 343 -10.99 -1.16 31.30
CA HIS B 343 -10.97 0.17 30.69
C HIS B 343 -11.10 0.07 29.19
N ALA B 344 -11.95 0.91 28.64
CA ALA B 344 -12.00 1.07 27.19
C ALA B 344 -10.96 2.05 26.71
N ILE B 345 -10.29 1.73 25.60
CA ILE B 345 -9.36 2.64 24.97
C ILE B 345 -10.14 3.56 24.07
N ASP B 346 -9.71 4.82 24.03
CA ASP B 346 -10.30 5.80 23.13
C ASP B 346 -9.69 5.72 21.71
N SER B 347 -10.54 5.31 20.76
CA SER B 347 -10.33 5.55 19.32
C SER B 347 -9.49 4.51 18.57
N LEU B 348 -9.08 3.46 19.23
CA LEU B 348 -8.33 2.41 18.60
C LEU B 348 -9.26 1.18 18.46
N SER B 349 -10.15 1.17 17.47
CA SER B 349 -11.20 0.11 17.38
C SER B 349 -11.89 -0.06 18.77
N VAL B 350 -12.24 -1.31 19.13
CA VAL B 350 -12.59 -1.68 20.50
C VAL B 350 -11.36 -2.29 21.15
N SER B 351 -10.59 -1.46 21.81
CA SER B 351 -9.40 -1.89 22.53
C SER B 351 -9.66 -1.78 24.04
N VAL B 352 -8.97 -2.60 24.81
CA VAL B 352 -9.29 -2.63 26.23
C VAL B 352 -8.09 -2.81 27.13
N VAL B 353 -8.21 -2.36 28.38
CA VAL B 353 -7.30 -2.85 29.44
C VAL B 353 -8.05 -3.56 30.58
N PHE B 354 -7.67 -4.79 30.87
CA PHE B 354 -8.23 -5.59 31.99
C PHE B 354 -7.32 -5.58 33.20
N GLU B 355 -7.89 -5.39 34.38
CA GLU B 355 -7.09 -5.50 35.61
C GLU B 355 -7.47 -6.82 36.19
N LEU B 356 -6.53 -7.74 36.15
CA LEU B 356 -6.77 -9.11 36.60
C LEU B 356 -6.08 -9.38 37.93
N GLU B 357 -6.64 -10.30 38.71
CA GLU B 357 -6.02 -10.77 39.95
C GLU B 357 -6.47 -12.21 40.23
#